data_1G59
#
_entry.id   1G59
#
_cell.length_a   109.98
_cell.length_b   218.67
_cell.length_c   134.67
_cell.angle_alpha   90.00
_cell.angle_beta   90.00
_cell.angle_gamma   90.00
#
_symmetry.space_group_name_H-M   'C 2 2 21'
#
loop_
_entity.id
_entity.type
_entity.pdbx_description
1 polymer TRNA(GLU)
2 polymer 'GLUTAMYL-TRNA SYNTHETASE'
3 water water
#
loop_
_entity_poly.entity_id
_entity_poly.type
_entity_poly.pdbx_seq_one_letter_code
_entity_poly.pdbx_strand_id
1 'polyribonucleotide' GGCCCCAUCGUCUAGCGGUUAGGACGCGGCCCUCUCAAGGCCGAAACGGGGGUUCGAUUCCCCCUGGGGUCACCA B,D
2 'polypeptide(L)'
;MVVTRIAPSPTGDPHVGTAYIALFNYAWARRNGGRFIVRIEDTDRARYVPGAEERILAALKWLGLSYDEGPDVAAPTGPY
RQSERLPLYQKYAEELLKRGWAYRAFETPEELEQIRKEKGGYDGRARNIPPEEAEERARRGEPHVIRLKVPRPGTTEVKD
ELRGVVVYDNQEIPDVVLLKSDGYPTYHLANVVDDHLMGVTDVIRAEEWLVSTPIHVLLYRAFGWEAPRFYHMPLLRNPD
KTKISKRKSHTSLDWYKAEGFLPEALRNYLCLMGFSMPDGREIFTLEEFIQAFTWERVSLGGPVFDLEKLRWMNGKYIRE
VLSLEEVAERVKPFLREAGLSWESEAYLRRAVELMRPRFDTLKEFPEKARYLFTEDYPVSEKAQRKLEEGLPLLKELYPR
LRAQEEWTEAALEALLRGFAAEKGVKLGQVAQPLRAALTGSLETPGLFEILALLGKERALRRLERALA
;
A,C
#
loop_
_chem_comp.id
_chem_comp.type
_chem_comp.name
_chem_comp.formula
A RNA linking ADENOSINE-5'-MONOPHOSPHATE 'C10 H14 N5 O7 P'
C RNA linking CYTIDINE-5'-MONOPHOSPHATE 'C9 H14 N3 O8 P'
G RNA linking GUANOSINE-5'-MONOPHOSPHATE 'C10 H14 N5 O8 P'
U RNA linking URIDINE-5'-MONOPHOSPHATE 'C9 H13 N2 O9 P'
#
# COMPACT_ATOMS: atom_id res chain seq x y z
N MET C 1 -3.26 -22.79 59.81
CA MET C 1 -3.89 -23.92 59.05
C MET C 1 -3.01 -24.35 57.88
N VAL C 2 -3.59 -24.44 56.68
CA VAL C 2 -2.82 -24.80 55.49
C VAL C 2 -3.16 -23.82 54.36
N VAL C 3 -2.14 -23.14 53.84
CA VAL C 3 -2.38 -22.17 52.76
C VAL C 3 -1.45 -22.37 51.56
N THR C 4 -1.98 -22.85 50.44
CA THR C 4 -1.17 -23.05 49.24
C THR C 4 -1.49 -21.96 48.21
N ARG C 5 -0.73 -21.90 47.12
CA ARG C 5 -1.00 -20.88 46.11
C ARG C 5 -0.41 -21.20 44.72
N ILE C 6 -0.74 -20.33 43.77
CA ILE C 6 -0.17 -20.38 42.42
C ILE C 6 0.12 -18.95 42.03
N ALA C 7 1.35 -18.69 41.62
CA ALA C 7 1.73 -17.36 41.17
C ALA C 7 1.95 -17.43 39.67
N PRO C 8 0.86 -17.36 38.89
CA PRO C 8 0.97 -17.41 37.43
C PRO C 8 1.50 -16.11 36.86
N SER C 9 2.23 -16.25 35.76
CA SER C 9 2.84 -15.12 35.05
C SER C 9 2.08 -14.86 33.77
N PRO C 10 1.36 -13.72 33.70
CA PRO C 10 0.59 -13.39 32.50
C PRO C 10 1.52 -12.99 31.36
N THR C 11 2.23 -13.97 30.80
CA THR C 11 3.18 -13.70 29.73
C THR C 11 3.07 -14.69 28.57
N GLY C 12 1.84 -15.04 28.19
CA GLY C 12 1.61 -15.98 27.10
C GLY C 12 0.32 -16.75 27.26
N ASP C 13 0.11 -17.75 26.44
CA ASP C 13 -1.09 -18.55 26.52
C ASP C 13 -1.14 -19.30 27.87
N PRO C 14 -2.36 -19.65 28.35
CA PRO C 14 -2.53 -20.37 29.61
C PRO C 14 -1.79 -21.71 29.53
N HIS C 15 -0.72 -21.84 30.29
CA HIS C 15 0.11 -23.03 30.24
C HIS C 15 -0.46 -24.22 30.97
N VAL C 16 -0.24 -25.41 30.42
CA VAL C 16 -0.73 -26.63 31.04
C VAL C 16 0.09 -26.96 32.27
N GLY C 17 1.34 -26.51 32.26
CA GLY C 17 2.21 -26.72 33.41
C GLY C 17 1.62 -25.97 34.58
N THR C 18 0.95 -24.86 34.26
CA THR C 18 0.34 -24.05 35.30
C THR C 18 -0.81 -24.79 35.92
N ALA C 19 -1.56 -25.48 35.08
CA ALA C 19 -2.70 -26.22 35.59
C ALA C 19 -2.18 -27.33 36.49
N TYR C 20 -1.17 -28.02 36.02
CA TYR C 20 -0.55 -29.12 36.77
C TYR C 20 -0.32 -28.70 38.21
N ILE C 21 0.39 -27.60 38.41
CA ILE C 21 0.71 -27.14 39.75
C ILE C 21 -0.53 -26.68 40.46
N ALA C 22 -1.37 -25.94 39.76
CA ALA C 22 -2.59 -25.45 40.36
C ALA C 22 -3.38 -26.61 40.96
N LEU C 23 -3.62 -27.63 40.13
CA LEU C 23 -4.35 -28.83 40.50
C LEU C 23 -3.83 -29.46 41.79
N PHE C 24 -2.52 -29.44 41.99
CA PHE C 24 -1.96 -30.02 43.21
C PHE C 24 -2.03 -29.06 44.41
N ASN C 25 -2.05 -27.75 44.16
CA ASN C 25 -2.14 -26.84 45.27
C ASN C 25 -3.57 -26.86 45.79
N TYR C 26 -4.50 -26.91 44.84
CA TYR C 26 -5.93 -26.98 45.14
C TYR C 26 -6.20 -28.23 45.96
N ALA C 27 -5.65 -29.36 45.52
CA ALA C 27 -5.81 -30.63 46.20
C ALA C 27 -5.34 -30.54 47.64
N TRP C 28 -4.06 -30.30 47.80
CA TRP C 28 -3.47 -30.22 49.13
C TRP C 28 -4.27 -29.27 50.00
N ALA C 29 -4.53 -28.07 49.48
CA ALA C 29 -5.28 -27.14 50.28
C ALA C 29 -6.59 -27.77 50.73
N ARG C 30 -7.45 -28.11 49.77
CA ARG C 30 -8.74 -28.72 50.05
C ARG C 30 -8.61 -29.96 50.94
N ARG C 31 -7.67 -30.82 50.60
CA ARG C 31 -7.45 -32.04 51.35
C ARG C 31 -7.27 -31.74 52.83
N ASN C 32 -6.73 -30.56 53.14
CA ASN C 32 -6.51 -30.15 54.51
C ASN C 32 -7.49 -29.06 54.93
N GLY C 33 -8.58 -28.95 54.19
CA GLY C 33 -9.54 -27.91 54.50
C GLY C 33 -8.86 -26.58 54.76
N GLY C 34 -7.85 -26.27 53.94
CA GLY C 34 -7.14 -25.01 54.07
C GLY C 34 -7.51 -24.07 52.94
N ARG C 35 -6.74 -23.00 52.76
CA ARG C 35 -7.01 -22.04 51.71
C ARG C 35 -6.04 -22.17 50.56
N PHE C 36 -6.49 -21.78 49.38
CA PHE C 36 -5.67 -21.83 48.20
C PHE C 36 -5.84 -20.51 47.44
N ILE C 37 -4.73 -19.80 47.25
CA ILE C 37 -4.70 -18.48 46.63
C ILE C 37 -4.09 -18.43 45.23
N VAL C 38 -4.53 -17.43 44.47
CA VAL C 38 -4.00 -17.16 43.15
C VAL C 38 -3.32 -15.80 43.26
N ARG C 39 -2.04 -15.74 42.92
CA ARG C 39 -1.29 -14.49 42.96
C ARG C 39 -0.69 -14.27 41.59
N ILE C 40 -0.96 -13.11 41.00
CA ILE C 40 -0.47 -12.86 39.66
C ILE C 40 0.92 -12.26 39.64
N GLU C 41 1.82 -12.97 38.98
CA GLU C 41 3.20 -12.56 38.87
C GLU C 41 3.38 -11.62 37.67
N ASP C 42 2.92 -10.38 37.79
CA ASP C 42 3.03 -9.45 36.68
C ASP C 42 3.98 -8.29 36.99
N THR C 43 5.24 -8.61 37.29
CA THR C 43 6.23 -7.58 37.62
C THR C 43 7.39 -7.52 36.60
N ASP C 44 7.15 -8.04 35.40
CA ASP C 44 8.12 -8.00 34.32
C ASP C 44 7.53 -7.10 33.23
N ARG C 45 7.71 -5.79 33.34
CA ARG C 45 7.12 -4.91 32.35
C ARG C 45 7.69 -5.09 30.94
N ALA C 46 8.14 -6.30 30.62
CA ALA C 46 8.72 -6.56 29.30
C ALA C 46 8.10 -7.77 28.64
N ARG C 47 7.95 -8.85 29.39
CA ARG C 47 7.35 -10.05 28.85
C ARG C 47 5.86 -10.11 29.16
N TYR C 48 5.32 -9.02 29.71
CA TYR C 48 3.88 -8.97 30.04
C TYR C 48 2.96 -9.04 28.81
N VAL C 49 2.09 -10.03 28.79
CA VAL C 49 1.14 -10.18 27.69
C VAL C 49 -0.24 -9.69 28.15
N PRO C 50 -0.68 -8.52 27.68
CA PRO C 50 -1.98 -7.94 28.04
C PRO C 50 -3.12 -8.85 27.58
N GLY C 51 -4.00 -9.21 28.51
CA GLY C 51 -5.10 -10.12 28.22
C GLY C 51 -4.74 -11.55 28.62
N ALA C 52 -3.54 -11.70 29.19
CA ALA C 52 -3.04 -13.01 29.60
C ALA C 52 -3.48 -13.40 30.99
N GLU C 53 -3.89 -12.42 31.82
CA GLU C 53 -4.32 -12.75 33.17
C GLU C 53 -5.73 -13.41 33.15
N GLU C 54 -6.66 -12.77 32.45
CA GLU C 54 -8.03 -13.26 32.33
C GLU C 54 -8.06 -14.71 31.84
N ARG C 55 -7.26 -14.97 30.82
CA ARG C 55 -7.19 -16.27 30.20
C ARG C 55 -6.73 -17.33 31.17
N ILE C 56 -5.71 -17.03 31.98
CA ILE C 56 -5.20 -18.00 32.94
C ILE C 56 -6.28 -18.38 33.95
N LEU C 57 -6.90 -17.36 34.54
CA LEU C 57 -7.96 -17.59 35.52
C LEU C 57 -9.18 -18.29 34.91
N ALA C 58 -9.51 -17.99 33.65
CA ALA C 58 -10.64 -18.63 33.02
C ALA C 58 -10.29 -20.07 32.74
N ALA C 59 -9.04 -20.28 32.37
CA ALA C 59 -8.56 -21.62 32.09
C ALA C 59 -8.66 -22.46 33.34
N LEU C 60 -8.28 -21.89 34.48
CA LEU C 60 -8.34 -22.59 35.78
C LEU C 60 -9.78 -23.01 36.14
N LYS C 61 -10.74 -22.13 35.88
CA LYS C 61 -12.14 -22.44 36.16
C LYS C 61 -12.62 -23.54 35.20
N TRP C 62 -12.24 -23.41 33.94
CA TRP C 62 -12.58 -24.38 32.91
C TRP C 62 -12.22 -25.81 33.36
N LEU C 63 -11.13 -25.98 34.08
CA LEU C 63 -10.77 -27.32 34.52
C LEU C 63 -11.44 -27.73 35.82
N GLY C 64 -12.12 -26.76 36.44
CA GLY C 64 -12.84 -27.06 37.67
C GLY C 64 -12.17 -26.70 39.00
N LEU C 65 -11.11 -25.92 38.91
CA LEU C 65 -10.42 -25.53 40.11
C LEU C 65 -10.99 -24.23 40.60
N SER C 66 -11.39 -24.19 41.85
CA SER C 66 -11.85 -22.93 42.41
C SER C 66 -10.81 -22.49 43.41
N TYR C 67 -10.54 -21.20 43.48
CA TYR C 67 -9.60 -20.72 44.47
C TYR C 67 -10.32 -19.86 45.49
N ASP C 68 -9.83 -19.86 46.71
CA ASP C 68 -10.44 -19.13 47.81
C ASP C 68 -10.19 -17.62 47.78
N GLU C 69 -9.07 -17.19 47.21
CA GLU C 69 -8.73 -15.76 47.09
C GLU C 69 -8.01 -15.51 45.76
N GLY C 70 -8.16 -14.31 45.22
CA GLY C 70 -7.55 -13.98 43.94
C GLY C 70 -8.03 -12.67 43.34
N PRO C 71 -7.44 -12.26 42.21
CA PRO C 71 -7.81 -11.01 41.54
C PRO C 71 -9.29 -10.72 41.37
N ASP C 72 -10.07 -11.71 40.91
CA ASP C 72 -11.52 -11.50 40.71
C ASP C 72 -12.28 -11.89 41.96
N VAL C 73 -11.96 -13.07 42.46
CA VAL C 73 -12.52 -13.58 43.71
C VAL C 73 -11.70 -12.87 44.78
N ALA C 74 -12.13 -11.69 45.22
CA ALA C 74 -11.40 -10.89 46.20
C ALA C 74 -10.81 -11.70 47.35
N ALA C 75 -10.40 -11.01 48.41
CA ALA C 75 -9.85 -11.69 49.57
C ALA C 75 -9.36 -10.70 50.61
N PRO C 76 -8.98 -11.18 51.81
CA PRO C 76 -8.53 -10.28 52.86
C PRO C 76 -7.11 -9.82 52.83
N THR C 77 -6.26 -10.49 52.08
CA THR C 77 -4.87 -10.11 52.14
C THR C 77 -4.29 -9.42 50.90
N GLY C 78 -4.35 -8.08 50.92
CA GLY C 78 -3.80 -7.20 49.89
C GLY C 78 -4.10 -7.54 48.46
N PRO C 79 -3.76 -6.66 47.51
CA PRO C 79 -4.02 -6.95 46.10
C PRO C 79 -3.36 -8.25 45.68
N TYR C 80 -3.94 -8.92 44.67
CA TYR C 80 -3.42 -10.20 44.20
C TYR C 80 -2.71 -10.11 42.86
N ARG C 81 -2.43 -8.88 42.46
CA ARG C 81 -1.68 -8.56 41.28
C ARG C 81 -0.38 -8.00 41.82
N GLN C 82 0.71 -8.72 41.56
CA GLN C 82 2.02 -8.32 42.06
C GLN C 82 2.36 -6.89 41.68
N SER C 83 1.69 -6.37 40.66
CA SER C 83 1.95 -5.02 40.22
C SER C 83 1.34 -3.97 41.14
N GLU C 84 0.19 -4.28 41.74
CA GLU C 84 -0.49 -3.34 42.63
C GLU C 84 0.17 -3.25 44.00
N ARG C 85 1.23 -4.01 44.24
CA ARG C 85 1.87 -3.94 45.53
C ARG C 85 3.35 -3.63 45.45
N LEU C 86 3.73 -2.89 44.44
CA LEU C 86 5.12 -2.53 44.25
C LEU C 86 5.71 -1.83 45.48
N PRO C 87 4.99 -0.84 46.04
CA PRO C 87 5.49 -0.12 47.23
C PRO C 87 5.92 -1.06 48.35
N LEU C 88 5.20 -2.16 48.49
CA LEU C 88 5.52 -3.12 49.52
C LEU C 88 6.95 -3.61 49.32
N TYR C 89 7.17 -4.29 48.20
CA TYR C 89 8.47 -4.80 47.87
C TYR C 89 9.52 -3.75 48.13
N GLN C 90 9.16 -2.51 47.83
CA GLN C 90 10.03 -1.36 47.99
C GLN C 90 10.54 -1.27 49.41
N LYS C 91 9.60 -1.11 50.33
CA LYS C 91 9.90 -0.97 51.75
C LYS C 91 10.66 -2.17 52.29
N TYR C 92 10.23 -3.37 51.92
CA TYR C 92 10.89 -4.56 52.41
C TYR C 92 12.32 -4.64 51.90
N ALA C 93 12.54 -4.18 50.68
CA ALA C 93 13.89 -4.22 50.13
C ALA C 93 14.74 -3.25 50.92
N GLU C 94 14.22 -2.05 51.13
CA GLU C 94 14.94 -1.05 51.90
C GLU C 94 15.21 -1.61 53.28
N GLU C 95 14.26 -2.38 53.77
CA GLU C 95 14.37 -3.00 55.06
C GLU C 95 15.66 -3.81 55.15
N LEU C 96 15.87 -4.70 54.19
CA LEU C 96 17.07 -5.54 54.16
C LEU C 96 18.32 -4.71 54.04
N LEU C 97 18.24 -3.62 53.28
CA LEU C 97 19.37 -2.69 53.10
C LEU C 97 19.76 -2.18 54.46
N LYS C 98 18.85 -1.42 55.08
CA LYS C 98 19.08 -0.89 56.40
C LYS C 98 18.93 -2.02 57.40
N ARG C 99 19.57 -3.15 57.11
CA ARG C 99 19.51 -4.35 57.94
C ARG C 99 20.74 -5.22 57.71
N GLY C 100 21.52 -4.83 56.70
CA GLY C 100 22.73 -5.54 56.39
C GLY C 100 22.58 -6.80 55.58
N TRP C 101 21.41 -7.00 54.96
CA TRP C 101 21.17 -8.22 54.19
C TRP C 101 21.02 -7.98 52.69
N ALA C 102 21.21 -6.74 52.28
CA ALA C 102 21.13 -6.40 50.86
C ALA C 102 22.02 -5.20 50.58
N TYR C 103 22.32 -4.97 49.31
CA TYR C 103 23.13 -3.82 48.96
C TYR C 103 22.78 -3.28 47.57
N ARG C 104 23.00 -1.99 47.36
CA ARG C 104 22.69 -1.40 46.08
C ARG C 104 23.84 -1.62 45.13
N ALA C 105 23.52 -1.96 43.89
CA ALA C 105 24.52 -2.17 42.84
C ALA C 105 24.16 -1.24 41.69
N PHE C 106 25.16 -0.74 40.97
CA PHE C 106 24.88 0.20 39.90
C PHE C 106 25.42 -0.24 38.54
N GLU C 107 26.18 -1.34 38.52
CA GLU C 107 26.73 -1.82 37.24
C GLU C 107 25.66 -1.79 36.16
N THR C 108 25.98 -1.21 35.02
CA THR C 108 25.00 -1.18 33.93
C THR C 108 24.92 -2.59 33.39
N PRO C 109 23.84 -2.91 32.67
CA PRO C 109 23.64 -4.23 32.09
C PRO C 109 24.87 -4.74 31.34
N GLU C 110 25.50 -3.88 30.56
CA GLU C 110 26.69 -4.28 29.82
C GLU C 110 27.84 -4.62 30.77
N GLU C 111 28.12 -3.76 31.74
CA GLU C 111 29.21 -4.08 32.64
C GLU C 111 28.97 -5.46 33.26
N LEU C 112 27.73 -5.73 33.65
CA LEU C 112 27.38 -7.03 34.23
C LEU C 112 27.67 -8.11 33.22
N GLU C 113 27.29 -7.88 31.97
CA GLU C 113 27.55 -8.85 30.93
C GLU C 113 29.04 -9.07 30.88
N GLN C 114 29.79 -7.99 31.08
CA GLN C 114 31.24 -8.08 31.09
C GLN C 114 31.67 -8.83 32.34
N ILE C 115 31.14 -8.42 33.49
CA ILE C 115 31.46 -9.10 34.72
C ILE C 115 31.21 -10.60 34.55
N ARG C 116 30.04 -10.95 34.01
CA ARG C 116 29.70 -12.35 33.79
C ARG C 116 30.62 -12.99 32.76
N LYS C 117 31.06 -12.19 31.81
CA LYS C 117 31.94 -12.69 30.76
C LYS C 117 33.32 -13.08 31.32
N GLU C 118 34.03 -12.12 31.90
CA GLU C 118 35.37 -12.37 32.43
C GLU C 118 35.37 -13.32 33.63
N LYS C 119 34.29 -13.31 34.40
CA LYS C 119 34.21 -14.18 35.57
C LYS C 119 32.78 -14.69 35.75
N GLY C 120 32.63 -16.01 35.76
CA GLY C 120 31.33 -16.64 35.92
C GLY C 120 30.16 -15.67 35.85
N GLY C 121 29.66 -15.27 37.02
CA GLY C 121 28.56 -14.33 37.08
C GLY C 121 29.01 -13.13 37.88
N TYR C 122 28.08 -12.24 38.24
CA TYR C 122 28.42 -11.06 39.02
C TYR C 122 29.34 -11.45 40.19
N ASP C 123 30.20 -10.53 40.63
CA ASP C 123 31.11 -10.85 41.72
C ASP C 123 30.87 -10.02 42.98
N GLY C 124 29.65 -9.53 43.15
CA GLY C 124 29.32 -8.76 44.32
C GLY C 124 30.28 -7.62 44.64
N ARG C 125 30.90 -7.07 43.60
CA ARG C 125 31.83 -5.98 43.79
C ARG C 125 31.15 -4.80 44.48
N ALA C 126 29.88 -4.58 44.16
CA ALA C 126 29.16 -3.46 44.75
C ALA C 126 29.05 -3.59 46.25
N ARG C 127 29.39 -4.76 46.77
CA ARG C 127 29.34 -4.97 48.20
C ARG C 127 30.33 -4.05 48.91
N ASN C 128 31.30 -3.55 48.14
CA ASN C 128 32.37 -2.67 48.64
C ASN C 128 32.01 -1.20 48.66
N ILE C 129 30.76 -0.85 48.46
CA ILE C 129 30.41 0.56 48.49
C ILE C 129 29.96 0.99 49.88
N PRO C 130 30.45 2.13 50.35
CA PRO C 130 30.00 2.50 51.68
C PRO C 130 28.51 2.77 51.61
N PRO C 131 27.74 2.24 52.56
CA PRO C 131 26.29 2.41 52.64
C PRO C 131 25.88 3.84 52.36
N GLU C 132 26.65 4.78 52.89
CA GLU C 132 26.37 6.18 52.68
C GLU C 132 26.57 6.59 51.24
N GLU C 133 27.62 6.05 50.62
CA GLU C 133 27.88 6.37 49.23
C GLU C 133 26.76 5.79 48.39
N ALA C 134 26.46 4.52 48.61
CA ALA C 134 25.39 3.87 47.86
C ALA C 134 24.09 4.60 48.10
N GLU C 135 23.84 4.95 49.35
CA GLU C 135 22.66 5.69 49.73
C GLU C 135 22.59 7.02 48.98
N GLU C 136 23.73 7.70 48.96
CA GLU C 136 23.86 8.97 48.28
C GLU C 136 23.54 8.82 46.79
N ARG C 137 24.33 8.00 46.07
CA ARG C 137 24.11 7.77 44.64
C ARG C 137 22.66 7.45 44.37
N ALA C 138 22.04 6.76 45.33
CA ALA C 138 20.62 6.39 45.23
C ALA C 138 19.78 7.64 45.33
N ARG C 139 20.03 8.42 46.38
CA ARG C 139 19.31 9.67 46.57
C ARG C 139 19.39 10.50 45.31
N ARG C 140 20.60 10.66 44.76
CA ARG C 140 20.79 11.42 43.53
C ARG C 140 20.10 10.72 42.38
N GLY C 141 19.11 9.90 42.73
CA GLY C 141 18.35 9.17 41.73
C GLY C 141 19.18 8.36 40.76
N GLU C 142 20.36 7.91 41.17
CA GLU C 142 21.15 7.09 40.28
C GLU C 142 20.56 5.69 40.17
N PRO C 143 20.40 5.18 38.95
CA PRO C 143 19.84 3.85 38.70
C PRO C 143 20.64 2.74 39.37
N HIS C 144 19.94 1.76 39.91
CA HIS C 144 20.59 0.66 40.59
C HIS C 144 19.63 -0.47 40.95
N VAL C 145 20.20 -1.59 41.39
CA VAL C 145 19.42 -2.73 41.83
C VAL C 145 19.69 -2.94 43.29
N ILE C 146 18.89 -3.78 43.92
CA ILE C 146 19.08 -4.11 45.31
C ILE C 146 19.27 -5.60 45.37
N ARG C 147 20.53 -6.00 45.50
CA ARG C 147 20.87 -7.42 45.53
C ARG C 147 20.94 -8.00 46.93
N LEU C 148 20.64 -9.29 47.03
CA LEU C 148 20.69 -9.98 48.32
C LEU C 148 22.14 -10.16 48.73
N LYS C 149 22.45 -9.78 49.97
CA LYS C 149 23.81 -9.91 50.48
C LYS C 149 24.01 -11.27 51.12
N VAL C 150 24.23 -12.29 50.29
CA VAL C 150 24.43 -13.64 50.79
C VAL C 150 25.68 -13.68 51.64
N PRO C 151 25.60 -14.29 52.84
CA PRO C 151 26.76 -14.39 53.72
C PRO C 151 27.75 -15.25 52.95
N ARG C 152 28.66 -14.61 52.23
CA ARG C 152 29.60 -15.32 51.38
C ARG C 152 30.26 -16.54 52.01
N PRO C 153 31.02 -16.37 53.11
CA PRO C 153 31.66 -17.57 53.69
C PRO C 153 30.62 -18.44 54.42
N GLY C 154 29.94 -19.34 53.72
CA GLY C 154 28.95 -20.16 54.41
C GLY C 154 28.18 -21.22 53.65
N THR C 155 27.17 -21.78 54.32
CA THR C 155 26.34 -22.86 53.78
C THR C 155 24.85 -22.69 54.17
N THR C 156 23.93 -23.08 53.30
CA THR C 156 22.49 -22.93 53.56
C THR C 156 21.68 -24.24 53.41
N GLU C 157 20.90 -24.56 54.43
CA GLU C 157 20.12 -25.79 54.48
C GLU C 157 18.70 -25.62 53.93
N VAL C 158 18.35 -26.41 52.94
CA VAL C 158 17.01 -26.37 52.35
C VAL C 158 16.33 -27.74 52.52
N LYS C 159 15.02 -27.73 52.77
CA LYS C 159 14.31 -29.00 52.95
C LYS C 159 13.08 -29.18 52.10
N ASP C 160 13.18 -30.03 51.08
CA ASP C 160 12.07 -30.36 50.20
C ASP C 160 11.27 -31.40 50.99
N GLU C 161 9.98 -31.16 51.19
CA GLU C 161 9.18 -32.10 51.94
C GLU C 161 9.13 -33.47 51.26
N LEU C 162 9.42 -33.50 49.98
CA LEU C 162 9.42 -34.74 49.18
C LEU C 162 10.80 -35.32 48.98
N ARG C 163 11.83 -34.49 48.93
CA ARG C 163 13.17 -35.02 48.69
C ARG C 163 14.02 -35.04 49.95
N GLY C 164 13.70 -34.18 50.91
CA GLY C 164 14.46 -34.15 52.15
C GLY C 164 15.31 -32.91 52.23
N VAL C 165 16.37 -32.96 53.05
CA VAL C 165 17.22 -31.80 53.19
C VAL C 165 18.34 -31.77 52.17
N VAL C 166 18.48 -30.64 51.49
CA VAL C 166 19.53 -30.46 50.49
C VAL C 166 20.39 -29.28 50.89
N VAL C 167 21.46 -29.55 51.63
CA VAL C 167 22.36 -28.49 52.06
C VAL C 167 23.03 -27.86 50.83
N TYR C 168 23.22 -26.54 50.88
CA TYR C 168 23.84 -25.79 49.78
C TYR C 168 25.06 -25.03 50.25
N ASP C 169 25.96 -24.72 49.32
CA ASP C 169 27.14 -23.94 49.63
C ASP C 169 26.88 -22.53 49.14
N ASN C 170 26.88 -21.57 50.05
CA ASN C 170 26.61 -20.20 49.68
C ASN C 170 27.39 -19.79 48.46
N GLN C 171 28.51 -20.47 48.20
CA GLN C 171 29.34 -20.19 47.03
C GLN C 171 28.49 -20.36 45.78
N GLU C 172 27.54 -21.28 45.88
CA GLU C 172 26.65 -21.58 44.79
C GLU C 172 25.50 -20.59 44.75
N ILE C 173 25.31 -19.87 45.83
CA ILE C 173 24.20 -18.92 45.90
C ILE C 173 24.63 -17.52 45.55
N PRO C 174 24.03 -16.93 44.51
CA PRO C 174 24.38 -15.57 44.11
C PRO C 174 23.70 -14.47 44.90
N ASP C 175 24.15 -13.24 44.67
CA ASP C 175 23.54 -12.10 45.31
C ASP C 175 22.51 -11.55 44.33
N VAL C 176 21.51 -12.38 44.10
CA VAL C 176 20.42 -12.11 43.17
C VAL C 176 19.73 -10.77 43.37
N VAL C 177 19.53 -10.04 42.28
CA VAL C 177 18.85 -8.76 42.41
C VAL C 177 17.39 -9.01 42.83
N LEU C 178 16.94 -8.26 43.83
CA LEU C 178 15.59 -8.41 44.35
C LEU C 178 14.71 -7.31 43.79
N LEU C 179 15.22 -6.10 43.82
CA LEU C 179 14.48 -4.98 43.26
C LEU C 179 15.24 -4.54 42.03
N LYS C 180 14.57 -4.59 40.89
CA LYS C 180 15.19 -4.20 39.63
C LYS C 180 15.27 -2.68 39.53
N SER C 181 15.99 -2.22 38.51
CA SER C 181 16.19 -0.81 38.25
C SER C 181 14.88 -0.07 38.15
N ASP C 182 13.92 -0.67 37.43
CA ASP C 182 12.61 -0.08 37.21
C ASP C 182 11.78 -0.06 38.47
N GLY C 183 12.40 -0.39 39.60
CA GLY C 183 11.68 -0.40 40.87
C GLY C 183 10.83 -1.65 41.05
N TYR C 184 10.89 -2.55 40.09
CA TYR C 184 10.12 -3.77 40.17
C TYR C 184 10.97 -4.88 40.76
N PRO C 185 10.35 -5.77 41.55
CA PRO C 185 11.08 -6.87 42.18
C PRO C 185 11.21 -8.11 41.32
N THR C 186 11.89 -9.12 41.84
CA THR C 186 12.06 -10.36 41.11
C THR C 186 11.31 -11.44 41.87
N TYR C 187 11.00 -12.56 41.20
CA TYR C 187 10.28 -13.67 41.85
C TYR C 187 10.80 -13.83 43.26
N HIS C 188 12.11 -13.88 43.38
CA HIS C 188 12.79 -14.05 44.65
C HIS C 188 12.27 -13.12 45.71
N LEU C 189 12.25 -11.82 45.41
CA LEU C 189 11.77 -10.88 46.41
C LEU C 189 10.28 -10.99 46.67
N ALA C 190 9.49 -10.86 45.62
CA ALA C 190 8.05 -10.87 45.80
C ALA C 190 7.44 -12.17 46.24
N ASN C 191 8.04 -13.31 45.90
CA ASN C 191 7.44 -14.57 46.32
C ASN C 191 7.46 -14.71 47.83
N VAL C 192 8.61 -14.46 48.44
CA VAL C 192 8.74 -14.57 49.91
C VAL C 192 7.90 -13.53 50.62
N VAL C 193 7.90 -12.31 50.10
CA VAL C 193 7.12 -11.25 50.72
C VAL C 193 5.61 -11.61 50.69
N ASP C 194 5.09 -11.87 49.48
CA ASP C 194 3.68 -12.17 49.37
C ASP C 194 3.32 -13.51 49.94
N ASP C 195 4.22 -14.49 49.86
CA ASP C 195 3.89 -15.78 50.43
C ASP C 195 3.66 -15.62 51.94
N HIS C 196 4.53 -14.86 52.59
CA HIS C 196 4.42 -14.68 54.01
C HIS C 196 3.27 -13.76 54.35
N LEU C 197 3.21 -12.61 53.70
CA LEU C 197 2.15 -11.67 53.98
C LEU C 197 0.76 -12.26 53.72
N MET C 198 0.65 -13.18 52.76
CA MET C 198 -0.63 -13.82 52.42
C MET C 198 -0.86 -15.07 53.26
N GLY C 199 0.14 -15.41 54.07
CA GLY C 199 0.03 -16.56 54.94
C GLY C 199 0.15 -17.92 54.30
N VAL C 200 0.90 -18.06 53.21
CA VAL C 200 1.02 -19.39 52.63
C VAL C 200 1.96 -20.23 53.48
N THR C 201 1.51 -21.43 53.82
CA THR C 201 2.27 -22.33 54.66
C THR C 201 2.95 -23.43 53.86
N ASP C 202 2.36 -23.79 52.73
CA ASP C 202 2.94 -24.83 51.90
C ASP C 202 3.21 -24.30 50.51
N VAL C 203 4.48 -24.28 50.11
CA VAL C 203 4.80 -23.81 48.79
C VAL C 203 4.99 -25.00 47.85
N ILE C 204 4.00 -25.24 47.00
CA ILE C 204 4.07 -26.34 46.04
C ILE C 204 4.37 -25.76 44.65
N ARG C 205 5.59 -25.98 44.17
CA ARG C 205 5.94 -25.41 42.87
C ARG C 205 6.71 -26.41 41.98
N ALA C 206 6.95 -26.00 40.74
CA ALA C 206 7.67 -26.86 39.79
C ALA C 206 9.10 -27.08 40.23
N GLU C 207 9.61 -28.28 39.99
CA GLU C 207 10.96 -28.61 40.36
C GLU C 207 11.91 -27.51 39.87
N GLU C 208 11.51 -26.87 38.77
CA GLU C 208 12.26 -25.80 38.16
C GLU C 208 12.91 -24.87 39.19
N TRP C 209 12.14 -24.46 40.20
CA TRP C 209 12.63 -23.53 41.21
C TRP C 209 13.28 -24.18 42.44
N LEU C 210 13.64 -25.46 42.35
CA LEU C 210 14.27 -26.13 43.49
C LEU C 210 15.53 -25.40 43.92
N VAL C 211 16.49 -25.31 43.01
CA VAL C 211 17.76 -24.63 43.25
C VAL C 211 17.61 -23.18 43.68
N SER C 212 16.49 -22.55 43.33
CA SER C 212 16.31 -21.17 43.70
C SER C 212 15.81 -21.04 45.13
N THR C 213 15.39 -22.17 45.70
CA THR C 213 14.87 -22.20 47.06
C THR C 213 15.87 -21.73 48.11
N PRO C 214 17.15 -22.11 48.00
CA PRO C 214 18.08 -21.63 49.04
C PRO C 214 18.10 -20.10 49.16
N ILE C 215 17.77 -19.40 48.08
CA ILE C 215 17.69 -17.94 48.09
C ILE C 215 16.51 -17.51 48.96
N HIS C 216 15.44 -18.26 48.81
CA HIS C 216 14.22 -17.99 49.52
C HIS C 216 14.33 -18.26 51.00
N VAL C 217 14.92 -19.40 51.37
CA VAL C 217 15.08 -19.72 52.78
C VAL C 217 15.95 -18.64 53.43
N LEU C 218 16.87 -18.11 52.62
CA LEU C 218 17.77 -17.06 53.06
C LEU C 218 16.99 -15.80 53.27
N LEU C 219 16.13 -15.46 52.31
CA LEU C 219 15.30 -14.27 52.41
C LEU C 219 14.38 -14.37 53.62
N TYR C 220 13.79 -15.55 53.82
CA TYR C 220 12.91 -15.74 54.97
C TYR C 220 13.72 -15.54 56.22
N ARG C 221 15.01 -15.85 56.12
CA ARG C 221 15.89 -15.67 57.25
C ARG C 221 16.13 -14.19 57.51
N ALA C 222 16.55 -13.46 56.48
CA ALA C 222 16.82 -12.02 56.58
C ALA C 222 15.65 -11.26 57.21
N PHE C 223 14.45 -11.49 56.69
CA PHE C 223 13.24 -10.83 57.19
C PHE C 223 12.92 -11.29 58.59
N GLY C 224 13.58 -12.36 59.01
CA GLY C 224 13.37 -12.92 60.33
C GLY C 224 11.99 -13.49 60.52
N TRP C 225 11.58 -14.37 59.60
CA TRP C 225 10.25 -14.97 59.76
C TRP C 225 10.14 -16.35 59.14
N GLU C 226 9.37 -17.22 59.79
CA GLU C 226 9.16 -18.62 59.42
C GLU C 226 9.01 -18.97 57.93
N ALA C 227 9.78 -19.99 57.53
CA ALA C 227 9.76 -20.48 56.17
C ALA C 227 8.60 -21.44 56.04
N PRO C 228 8.00 -21.53 54.85
CA PRO C 228 6.87 -22.44 54.66
C PRO C 228 7.43 -23.78 54.23
N ARG C 229 6.56 -24.78 54.13
CA ARG C 229 7.01 -26.08 53.66
C ARG C 229 7.17 -25.98 52.15
N PHE C 230 8.10 -26.74 51.60
CA PHE C 230 8.36 -26.71 50.18
C PHE C 230 8.21 -28.07 49.53
N TYR C 231 7.43 -28.10 48.46
CA TYR C 231 7.18 -29.31 47.67
C TYR C 231 7.43 -28.96 46.23
N HIS C 232 8.29 -29.71 45.56
CA HIS C 232 8.60 -29.41 44.16
C HIS C 232 8.07 -30.48 43.25
N MET C 233 7.10 -30.13 42.43
CA MET C 233 6.52 -31.06 41.48
C MET C 233 7.48 -31.28 40.30
N PRO C 234 7.55 -32.51 39.77
CA PRO C 234 8.45 -32.73 38.63
C PRO C 234 7.91 -32.00 37.42
N LEU C 235 8.80 -31.57 36.55
CA LEU C 235 8.38 -30.86 35.37
C LEU C 235 7.73 -31.79 34.34
N LEU C 236 6.66 -31.31 33.71
CA LEU C 236 6.02 -32.07 32.67
C LEU C 236 7.01 -32.09 31.48
N ARG C 237 7.08 -33.19 30.75
CA ARG C 237 8.04 -33.24 29.67
C ARG C 237 7.44 -33.41 28.29
N ASN C 238 8.26 -33.06 27.29
CA ASN C 238 7.90 -33.24 25.89
C ASN C 238 8.16 -34.70 25.61
N PRO C 239 7.68 -35.19 24.48
CA PRO C 239 7.92 -36.61 24.21
C PRO C 239 9.38 -36.97 24.33
N ASP C 240 10.23 -35.99 24.03
CA ASP C 240 11.68 -36.17 24.07
C ASP C 240 12.23 -35.92 25.47
N LYS C 241 11.46 -36.35 26.47
CA LYS C 241 11.83 -36.22 27.89
C LYS C 241 12.31 -34.82 28.32
N THR C 242 12.18 -33.81 27.47
CA THR C 242 12.60 -32.49 27.88
C THR C 242 11.39 -31.71 28.36
N LYS C 243 11.55 -30.87 29.38
CA LYS C 243 10.41 -30.14 29.93
C LYS C 243 9.54 -29.62 28.84
N ILE C 244 8.24 -29.85 28.98
CA ILE C 244 7.25 -29.42 27.99
C ILE C 244 7.61 -28.11 27.33
N SER C 245 7.62 -28.12 26.01
CA SER C 245 7.95 -26.95 25.24
C SER C 245 6.80 -26.67 24.29
N LYS C 246 6.56 -25.39 24.03
CA LYS C 246 5.48 -25.02 23.16
C LYS C 246 5.66 -25.61 21.75
N ARG C 247 6.90 -25.64 21.25
CA ARG C 247 7.14 -26.17 19.90
C ARG C 247 7.40 -27.68 19.81
N LYS C 248 7.33 -28.39 20.93
CA LYS C 248 7.53 -29.85 20.94
C LYS C 248 6.25 -30.60 21.31
N SER C 249 5.26 -29.83 21.73
CA SER C 249 3.95 -30.33 22.12
C SER C 249 3.04 -29.14 22.42
N HIS C 250 1.74 -29.40 22.53
CA HIS C 250 0.77 -28.35 22.83
C HIS C 250 0.76 -28.02 24.30
N THR C 251 1.16 -26.80 24.64
CA THR C 251 1.21 -26.38 26.04
C THR C 251 0.06 -25.42 26.38
N SER C 252 -0.57 -24.85 25.34
CA SER C 252 -1.67 -23.91 25.53
C SER C 252 -2.98 -24.59 25.83
N LEU C 253 -3.57 -24.24 26.97
CA LEU C 253 -4.83 -24.82 27.39
C LEU C 253 -5.93 -24.44 26.40
N ASP C 254 -5.75 -23.32 25.74
CA ASP C 254 -6.72 -22.86 24.78
C ASP C 254 -6.75 -23.75 23.56
N TRP C 255 -5.66 -24.50 23.34
CA TRP C 255 -5.59 -25.43 22.22
C TRP C 255 -6.39 -26.68 22.56
N TYR C 256 -6.20 -27.19 23.77
CA TYR C 256 -6.93 -28.36 24.24
C TYR C 256 -8.42 -28.13 24.19
N LYS C 257 -8.83 -26.95 24.66
CA LYS C 257 -10.23 -26.58 24.67
C LYS C 257 -10.71 -26.54 23.24
N ALA C 258 -9.91 -25.93 22.38
CA ALA C 258 -10.27 -25.83 20.98
C ALA C 258 -10.37 -27.18 20.28
N GLU C 259 -9.50 -28.12 20.64
CA GLU C 259 -9.46 -29.44 20.02
C GLU C 259 -10.52 -30.41 20.54
N GLY C 260 -11.57 -29.87 21.17
CA GLY C 260 -12.63 -30.72 21.69
C GLY C 260 -12.25 -31.61 22.85
N PHE C 261 -11.40 -31.12 23.73
CA PHE C 261 -11.02 -31.91 24.90
C PHE C 261 -11.87 -31.51 26.11
N LEU C 262 -12.34 -32.51 26.84
CA LEU C 262 -13.14 -32.29 28.02
C LEU C 262 -12.23 -31.83 29.16
N PRO C 263 -12.56 -30.70 29.79
CA PRO C 263 -11.75 -30.19 30.90
C PRO C 263 -11.62 -31.24 31.99
N GLU C 264 -12.72 -31.93 32.27
CA GLU C 264 -12.73 -32.96 33.29
C GLU C 264 -11.71 -34.05 32.98
N ALA C 265 -11.59 -34.36 31.69
CA ALA C 265 -10.69 -35.38 31.23
C ALA C 265 -9.24 -34.89 31.37
N LEU C 266 -8.96 -33.74 30.79
CA LEU C 266 -7.63 -33.15 30.86
C LEU C 266 -7.20 -33.05 32.31
N ARG C 267 -8.10 -32.59 33.15
CA ARG C 267 -7.79 -32.46 34.56
C ARG C 267 -7.49 -33.82 35.17
N ASN C 268 -8.32 -34.82 34.82
CA ASN C 268 -8.14 -36.18 35.30
C ASN C 268 -6.83 -36.71 34.76
N TYR C 269 -6.52 -36.36 33.52
CA TYR C 269 -5.25 -36.80 32.95
C TYR C 269 -4.12 -36.17 33.75
N LEU C 270 -4.20 -34.86 33.93
CA LEU C 270 -3.19 -34.14 34.66
C LEU C 270 -2.89 -34.81 35.99
N CYS C 271 -3.91 -35.33 36.65
CA CYS C 271 -3.71 -35.97 37.96
C CYS C 271 -2.75 -37.15 37.88
N LEU C 272 -2.87 -37.91 36.80
CA LEU C 272 -2.04 -39.09 36.61
C LEU C 272 -0.58 -38.69 36.40
N MET C 273 -0.35 -37.39 36.19
CA MET C 273 1.01 -36.89 36.01
C MET C 273 1.71 -36.80 37.36
N GLY C 274 2.02 -37.95 37.93
CA GLY C 274 2.70 -37.97 39.20
C GLY C 274 1.92 -38.73 40.25
N PHE C 275 0.65 -38.39 40.40
CA PHE C 275 -0.20 -39.06 41.40
C PHE C 275 -0.90 -40.32 40.87
N SER C 276 -1.23 -41.24 41.77
CA SER C 276 -1.90 -42.48 41.39
C SER C 276 -2.82 -43.00 42.52
N MET C 277 -3.99 -43.53 42.16
CA MET C 277 -4.93 -44.03 43.14
C MET C 277 -4.45 -45.35 43.67
N PRO C 278 -4.62 -45.59 44.98
CA PRO C 278 -4.19 -46.85 45.58
C PRO C 278 -4.65 -48.06 44.78
N ASP C 279 -5.93 -48.06 44.42
CA ASP C 279 -6.52 -49.17 43.67
C ASP C 279 -6.22 -49.14 42.19
N GLY C 280 -5.30 -48.30 41.76
CA GLY C 280 -4.96 -48.25 40.35
C GLY C 280 -6.02 -47.74 39.41
N ARG C 281 -7.17 -47.32 39.95
CA ARG C 281 -8.23 -46.79 39.12
C ARG C 281 -7.74 -45.52 38.44
N GLU C 282 -7.90 -45.46 37.11
CA GLU C 282 -7.43 -44.31 36.34
C GLU C 282 -8.49 -43.24 36.08
N ILE C 283 -9.75 -43.58 36.29
CA ILE C 283 -10.80 -42.58 36.08
C ILE C 283 -11.45 -42.24 37.40
N PHE C 284 -11.45 -40.95 37.72
CA PHE C 284 -12.04 -40.48 38.96
C PHE C 284 -12.30 -38.99 38.84
N THR C 285 -13.07 -38.45 39.78
CA THR C 285 -13.41 -37.02 39.75
C THR C 285 -12.46 -36.17 40.58
N LEU C 286 -12.61 -34.86 40.41
CA LEU C 286 -11.78 -33.90 41.12
C LEU C 286 -11.86 -34.17 42.59
N GLU C 287 -13.07 -34.32 43.10
CA GLU C 287 -13.22 -34.55 44.53
C GLU C 287 -12.55 -35.83 44.97
N GLU C 288 -12.68 -36.91 44.21
CA GLU C 288 -12.03 -38.15 44.63
C GLU C 288 -10.51 -37.95 44.73
N PHE C 289 -9.99 -37.06 43.89
CA PHE C 289 -8.57 -36.77 43.89
C PHE C 289 -8.20 -35.99 45.15
N ILE C 290 -8.88 -34.87 45.39
CA ILE C 290 -8.58 -34.05 46.57
C ILE C 290 -8.77 -34.88 47.83
N GLN C 291 -9.49 -35.99 47.69
CA GLN C 291 -9.73 -36.84 48.83
C GLN C 291 -8.68 -37.94 48.98
N ALA C 292 -8.26 -38.54 47.87
CA ALA C 292 -7.25 -39.60 47.94
C ALA C 292 -5.84 -39.04 47.96
N PHE C 293 -5.73 -37.72 47.82
CA PHE C 293 -4.42 -37.09 47.79
C PHE C 293 -3.52 -37.37 49.00
N THR C 294 -2.28 -37.71 48.71
CA THR C 294 -1.28 -38.03 49.69
C THR C 294 0.07 -37.87 49.04
N TRP C 295 0.99 -37.17 49.69
CA TRP C 295 2.29 -36.99 49.09
C TRP C 295 3.03 -38.32 48.97
N GLU C 296 2.57 -39.34 49.70
CA GLU C 296 3.24 -40.62 49.60
C GLU C 296 2.80 -41.35 48.33
N ARG C 297 1.93 -40.70 47.55
CA ARG C 297 1.43 -41.31 46.31
C ARG C 297 1.91 -40.52 45.08
N VAL C 298 2.75 -39.52 45.32
CA VAL C 298 3.27 -38.69 44.24
C VAL C 298 4.62 -39.22 43.76
N SER C 299 4.72 -39.51 42.46
CA SER C 299 5.96 -40.01 41.85
C SER C 299 6.87 -38.82 41.48
N LEU C 300 8.19 -39.01 41.55
CA LEU C 300 9.11 -37.93 41.26
C LEU C 300 9.73 -37.87 39.84
N GLY C 301 9.57 -38.91 39.04
CA GLY C 301 10.12 -38.85 37.70
C GLY C 301 9.45 -37.75 36.86
N GLY C 302 10.08 -37.37 35.76
CA GLY C 302 9.50 -36.34 34.89
C GLY C 302 8.50 -37.02 33.99
N PRO C 303 7.21 -36.69 34.06
CA PRO C 303 6.23 -37.37 33.20
C PRO C 303 6.09 -36.80 31.81
N VAL C 304 6.07 -37.68 30.84
CA VAL C 304 5.91 -37.23 29.48
C VAL C 304 4.42 -37.15 29.17
N PHE C 305 3.97 -35.98 28.74
CA PHE C 305 2.58 -35.78 28.40
C PHE C 305 2.27 -36.58 27.15
N ASP C 306 1.33 -37.52 27.28
CA ASP C 306 0.93 -38.37 26.15
C ASP C 306 -0.41 -37.94 25.58
N LEU C 307 -0.36 -37.24 24.46
CA LEU C 307 -1.58 -36.77 23.82
C LEU C 307 -2.46 -37.98 23.49
N GLU C 308 -1.84 -39.08 23.10
CA GLU C 308 -2.54 -40.30 22.77
C GLU C 308 -3.39 -40.73 23.94
N LYS C 309 -2.76 -40.96 25.08
CA LYS C 309 -3.53 -41.40 26.24
C LYS C 309 -4.57 -40.35 26.61
N LEU C 310 -4.24 -39.08 26.46
CA LEU C 310 -5.20 -38.02 26.76
C LEU C 310 -6.43 -38.22 25.87
N ARG C 311 -6.20 -38.35 24.57
CA ARG C 311 -7.27 -38.57 23.62
C ARG C 311 -8.12 -39.76 24.07
N TRP C 312 -7.46 -40.87 24.43
CA TRP C 312 -8.15 -42.05 24.91
C TRP C 312 -9.01 -41.71 26.10
N MET C 313 -8.47 -40.89 26.98
CA MET C 313 -9.22 -40.49 28.16
C MET C 313 -10.42 -39.63 27.78
N ASN C 314 -10.22 -38.69 26.87
CA ASN C 314 -11.33 -37.86 26.48
C ASN C 314 -12.45 -38.71 25.94
N GLY C 315 -12.11 -39.72 25.14
CA GLY C 315 -13.13 -40.59 24.57
C GLY C 315 -13.87 -41.33 25.66
N LYS C 316 -13.12 -41.93 26.56
CA LYS C 316 -13.69 -42.68 27.68
C LYS C 316 -14.67 -41.82 28.46
N TYR C 317 -14.27 -40.58 28.75
CA TYR C 317 -15.11 -39.65 29.47
C TYR C 317 -16.40 -39.41 28.70
N ILE C 318 -16.27 -39.15 27.41
CA ILE C 318 -17.37 -38.86 26.52
C ILE C 318 -18.34 -40.00 26.46
N ARG C 319 -17.85 -41.21 26.66
CA ARG C 319 -18.74 -42.33 26.55
C ARG C 319 -19.12 -43.01 27.88
N GLU C 320 -18.42 -42.71 28.97
CA GLU C 320 -18.76 -43.37 30.23
C GLU C 320 -19.05 -42.43 31.40
N VAL C 321 -18.37 -41.28 31.45
CA VAL C 321 -18.54 -40.34 32.57
C VAL C 321 -19.67 -39.35 32.34
N LEU C 322 -19.63 -38.64 31.21
CA LEU C 322 -20.67 -37.67 30.89
C LEU C 322 -21.94 -38.40 30.51
N SER C 323 -23.07 -37.71 30.59
CA SER C 323 -24.35 -38.28 30.20
C SER C 323 -24.61 -37.87 28.74
N LEU C 324 -25.44 -38.65 28.06
CA LEU C 324 -25.79 -38.35 26.66
C LEU C 324 -26.18 -36.87 26.52
N GLU C 325 -26.99 -36.42 27.46
CA GLU C 325 -27.45 -35.07 27.48
C GLU C 325 -26.26 -34.12 27.55
N GLU C 326 -25.33 -34.45 28.44
CA GLU C 326 -24.11 -33.66 28.66
C GLU C 326 -23.30 -33.59 27.39
N VAL C 327 -23.08 -34.73 26.75
CA VAL C 327 -22.31 -34.73 25.51
C VAL C 327 -23.00 -33.86 24.45
N ALA C 328 -24.24 -34.21 24.11
CA ALA C 328 -25.01 -33.48 23.10
C ALA C 328 -24.93 -31.97 23.32
N GLU C 329 -24.71 -31.56 24.56
CA GLU C 329 -24.61 -30.13 24.83
C GLU C 329 -23.24 -29.58 24.42
N ARG C 330 -22.18 -30.25 24.86
CA ARG C 330 -20.82 -29.79 24.61
C ARG C 330 -20.47 -29.87 23.16
N VAL C 331 -21.10 -30.81 22.47
CA VAL C 331 -20.83 -31.00 21.06
C VAL C 331 -21.33 -29.83 20.18
N LYS C 332 -22.38 -29.14 20.62
CA LYS C 332 -22.96 -28.06 19.83
C LYS C 332 -21.97 -27.01 19.34
N PRO C 333 -21.18 -26.42 20.24
CA PRO C 333 -20.22 -25.41 19.78
C PRO C 333 -19.42 -25.87 18.55
N PHE C 334 -19.04 -27.14 18.54
CA PHE C 334 -18.25 -27.65 17.44
C PHE C 334 -19.10 -27.80 16.20
N LEU C 335 -20.39 -28.01 16.41
CA LEU C 335 -21.30 -28.13 15.30
C LEU C 335 -21.37 -26.77 14.64
N ARG C 336 -21.74 -25.77 15.41
CA ARG C 336 -21.86 -24.38 14.93
C ARG C 336 -20.58 -23.94 14.22
N GLU C 337 -19.45 -24.27 14.84
CA GLU C 337 -18.14 -23.92 14.32
C GLU C 337 -17.91 -24.57 12.95
N ALA C 338 -18.35 -25.80 12.80
CA ALA C 338 -18.18 -26.51 11.54
C ALA C 338 -19.23 -26.11 10.51
N GLY C 339 -20.06 -25.13 10.87
CA GLY C 339 -21.10 -24.68 9.95
C GLY C 339 -22.36 -25.51 9.98
N LEU C 340 -22.32 -26.67 10.64
CA LEU C 340 -23.51 -27.54 10.72
C LEU C 340 -24.51 -27.11 11.76
N SER C 341 -25.74 -27.57 11.58
CA SER C 341 -26.85 -27.27 12.47
C SER C 341 -27.68 -28.51 12.68
N TRP C 342 -28.39 -28.59 13.80
CA TRP C 342 -29.22 -29.74 14.07
C TRP C 342 -30.70 -29.34 14.03
N GLU C 343 -31.54 -30.24 13.54
CA GLU C 343 -32.98 -29.99 13.43
C GLU C 343 -33.63 -29.74 14.77
N SER C 344 -33.34 -30.59 15.74
CA SER C 344 -33.93 -30.44 17.06
C SER C 344 -33.03 -31.08 18.11
N GLU C 345 -33.39 -30.89 19.37
CA GLU C 345 -32.64 -31.45 20.45
C GLU C 345 -32.73 -32.98 20.40
N ALA C 346 -33.93 -33.47 20.16
CA ALA C 346 -34.16 -34.90 20.07
C ALA C 346 -33.29 -35.47 19.00
N TYR C 347 -33.31 -34.83 17.84
CA TYR C 347 -32.51 -35.30 16.73
C TYR C 347 -31.06 -35.34 17.13
N LEU C 348 -30.56 -34.22 17.64
CA LEU C 348 -29.17 -34.12 18.04
C LEU C 348 -28.79 -35.22 19.02
N ARG C 349 -29.61 -35.42 20.05
CA ARG C 349 -29.31 -36.45 21.05
C ARG C 349 -29.12 -37.81 20.42
N ARG C 350 -30.13 -38.27 19.68
CA ARG C 350 -30.03 -39.56 19.04
C ARG C 350 -28.80 -39.59 18.15
N ALA C 351 -28.53 -38.49 17.44
CA ALA C 351 -27.35 -38.46 16.59
C ALA C 351 -26.10 -38.62 17.44
N VAL C 352 -26.08 -37.98 18.62
CA VAL C 352 -24.94 -38.09 19.50
C VAL C 352 -24.83 -39.49 20.13
N GLU C 353 -25.97 -40.09 20.42
CA GLU C 353 -25.99 -41.42 20.98
C GLU C 353 -25.29 -42.41 20.04
N LEU C 354 -25.65 -42.39 18.76
CA LEU C 354 -25.08 -43.34 17.81
C LEU C 354 -23.61 -43.12 17.54
N MET C 355 -23.13 -41.91 17.83
CA MET C 355 -21.73 -41.58 17.60
C MET C 355 -20.85 -41.72 18.84
N ARG C 356 -21.46 -41.59 20.03
CA ARG C 356 -20.74 -41.67 21.31
C ARG C 356 -19.49 -42.56 21.29
N PRO C 357 -19.62 -43.79 20.77
CA PRO C 357 -18.42 -44.64 20.74
C PRO C 357 -17.52 -44.42 19.53
N ARG C 358 -17.80 -43.39 18.74
CA ARG C 358 -16.98 -43.18 17.55
C ARG C 358 -16.16 -41.90 17.51
N PHE C 359 -16.15 -41.12 18.59
CA PHE C 359 -15.31 -39.93 18.62
C PHE C 359 -14.67 -39.73 19.98
N ASP C 360 -13.40 -39.34 19.98
CA ASP C 360 -12.70 -39.14 21.23
C ASP C 360 -12.51 -37.66 21.56
N THR C 361 -12.98 -36.79 20.67
CA THR C 361 -12.92 -35.35 20.92
C THR C 361 -14.12 -34.72 20.30
N LEU C 362 -14.68 -33.71 20.97
CA LEU C 362 -15.86 -33.04 20.45
C LEU C 362 -15.68 -32.61 19.00
N LYS C 363 -14.47 -32.13 18.68
CA LYS C 363 -14.16 -31.69 17.32
C LYS C 363 -14.45 -32.84 16.35
N GLU C 364 -14.08 -34.05 16.76
CA GLU C 364 -14.27 -35.23 15.93
C GLU C 364 -15.73 -35.52 15.63
N PHE C 365 -16.67 -35.01 16.42
CA PHE C 365 -18.07 -35.31 16.17
C PHE C 365 -18.63 -34.75 14.86
N PRO C 366 -18.59 -33.43 14.68
CA PRO C 366 -19.12 -32.91 13.41
C PRO C 366 -18.30 -33.39 12.22
N GLU C 367 -17.20 -34.07 12.51
CA GLU C 367 -16.32 -34.56 11.46
C GLU C 367 -16.75 -35.91 10.91
N LYS C 368 -17.06 -36.83 11.82
CA LYS C 368 -17.40 -38.17 11.41
C LYS C 368 -18.92 -38.38 11.20
N ALA C 369 -19.74 -37.52 11.78
CA ALA C 369 -21.18 -37.65 11.61
C ALA C 369 -21.70 -36.43 10.85
N ARG C 370 -20.91 -35.94 9.91
CA ARG C 370 -21.30 -34.78 9.14
C ARG C 370 -22.54 -35.03 8.29
N TYR C 371 -22.62 -36.21 7.69
CA TYR C 371 -23.75 -36.58 6.84
C TYR C 371 -25.05 -36.60 7.62
N LEU C 372 -24.95 -36.56 8.94
CA LEU C 372 -26.11 -36.55 9.81
C LEU C 372 -26.65 -35.14 9.98
N PHE C 373 -25.97 -34.17 9.42
CA PHE C 373 -26.43 -32.80 9.60
C PHE C 373 -26.47 -31.99 8.31
N THR C 374 -25.98 -32.58 7.22
CA THR C 374 -25.98 -31.85 5.96
C THR C 374 -25.91 -32.75 4.73
N GLU C 375 -26.38 -32.21 3.61
CA GLU C 375 -26.38 -32.90 2.31
C GLU C 375 -24.98 -32.78 1.72
N ASP C 376 -24.25 -31.78 2.18
CA ASP C 376 -22.89 -31.54 1.71
C ASP C 376 -21.90 -32.33 2.58
N TYR C 377 -21.79 -33.62 2.26
CA TYR C 377 -20.88 -34.52 2.93
C TYR C 377 -20.05 -35.18 1.85
N PRO C 378 -18.81 -35.59 2.18
CA PRO C 378 -17.96 -36.22 1.16
C PRO C 378 -18.33 -37.66 0.90
N VAL C 379 -17.85 -38.18 -0.23
CA VAL C 379 -18.06 -39.59 -0.56
C VAL C 379 -16.71 -40.26 -0.82
N SER C 380 -16.42 -41.29 -0.05
CA SER C 380 -15.16 -42.01 -0.16
C SER C 380 -15.11 -42.89 -1.39
N GLU C 381 -13.90 -43.18 -1.87
CA GLU C 381 -13.79 -44.05 -3.03
C GLU C 381 -14.47 -45.35 -2.68
N LYS C 382 -13.96 -46.00 -1.64
CA LYS C 382 -14.52 -47.26 -1.19
C LYS C 382 -16.03 -47.21 -1.16
N ALA C 383 -16.57 -46.08 -0.73
CA ALA C 383 -18.01 -45.91 -0.66
C ALA C 383 -18.62 -45.89 -2.07
N GLN C 384 -18.06 -45.05 -2.93
CA GLN C 384 -18.54 -44.96 -4.31
C GLN C 384 -18.53 -46.32 -4.99
N ARG C 385 -17.40 -47.01 -4.83
CA ARG C 385 -17.20 -48.34 -5.38
C ARG C 385 -18.25 -49.31 -4.88
N LYS C 386 -18.56 -49.21 -3.59
CA LYS C 386 -19.54 -50.08 -2.95
C LYS C 386 -20.95 -49.70 -3.39
N LEU C 387 -21.15 -48.41 -3.66
CA LEU C 387 -22.44 -47.94 -4.10
C LEU C 387 -22.68 -48.36 -5.54
N GLU C 388 -21.74 -48.01 -6.42
CA GLU C 388 -21.89 -48.38 -7.82
C GLU C 388 -21.99 -49.89 -7.95
N GLU C 389 -21.17 -50.59 -7.19
CA GLU C 389 -21.18 -52.03 -7.26
C GLU C 389 -22.53 -52.63 -6.86
N GLY C 390 -23.28 -51.94 -6.00
CA GLY C 390 -24.56 -52.50 -5.59
C GLY C 390 -25.80 -51.77 -6.04
N LEU C 391 -25.63 -50.75 -6.86
CA LEU C 391 -26.76 -49.97 -7.35
C LEU C 391 -27.91 -50.84 -7.82
N PRO C 392 -27.62 -51.90 -8.57
CA PRO C 392 -28.68 -52.79 -9.05
C PRO C 392 -29.63 -53.29 -7.97
N LEU C 393 -29.15 -54.13 -7.07
CA LEU C 393 -30.04 -54.67 -6.03
C LEU C 393 -30.61 -53.55 -5.15
N LEU C 394 -29.98 -52.38 -5.21
CA LEU C 394 -30.50 -51.27 -4.44
C LEU C 394 -31.81 -50.86 -5.07
N LYS C 395 -31.79 -50.74 -6.40
CA LYS C 395 -32.97 -50.38 -7.19
C LYS C 395 -34.04 -51.42 -6.92
N GLU C 396 -33.58 -52.67 -6.77
CA GLU C 396 -34.41 -53.82 -6.49
C GLU C 396 -34.97 -53.77 -5.07
N LEU C 397 -34.57 -52.75 -4.30
CA LEU C 397 -35.03 -52.65 -2.93
C LEU C 397 -35.81 -51.37 -2.68
N TYR C 398 -35.40 -50.29 -3.32
CA TYR C 398 -36.04 -49.00 -3.12
C TYR C 398 -37.56 -49.06 -3.06
N PRO C 399 -38.21 -49.80 -3.98
CA PRO C 399 -39.68 -49.88 -3.94
C PRO C 399 -40.18 -50.41 -2.58
N ARG C 400 -39.49 -51.42 -2.07
CA ARG C 400 -39.86 -52.00 -0.79
C ARG C 400 -39.79 -50.93 0.30
N LEU C 401 -38.76 -50.09 0.23
CA LEU C 401 -38.60 -49.03 1.21
C LEU C 401 -39.62 -47.93 0.95
N ARG C 402 -39.92 -47.68 -0.33
CA ARG C 402 -40.91 -46.65 -0.62
C ARG C 402 -42.27 -47.16 -0.19
N ALA C 403 -42.32 -48.41 0.24
CA ALA C 403 -43.56 -49.04 0.68
C ALA C 403 -43.63 -49.22 2.19
N GLN C 404 -42.62 -49.89 2.76
CA GLN C 404 -42.59 -50.15 4.20
C GLN C 404 -43.20 -49.02 5.03
N GLU C 405 -44.29 -49.35 5.73
CA GLU C 405 -44.97 -48.36 6.57
C GLU C 405 -44.25 -48.16 7.90
N GLU C 406 -43.87 -49.26 8.54
CA GLU C 406 -43.20 -49.18 9.83
C GLU C 406 -41.71 -48.84 9.72
N TRP C 407 -41.43 -47.55 9.73
CA TRP C 407 -40.07 -47.06 9.64
C TRP C 407 -39.37 -47.22 10.98
N THR C 408 -39.14 -48.46 11.40
CA THR C 408 -38.49 -48.71 12.68
C THR C 408 -37.21 -49.55 12.54
N GLU C 409 -36.28 -49.36 13.48
CA GLU C 409 -35.02 -50.10 13.44
C GLU C 409 -35.31 -51.58 13.39
N ALA C 410 -36.38 -51.97 14.06
CA ALA C 410 -36.81 -53.36 14.15
C ALA C 410 -37.41 -53.81 12.83
N ALA C 411 -38.31 -52.98 12.33
CA ALA C 411 -39.01 -53.22 11.07
C ALA C 411 -38.03 -53.23 9.93
N LEU C 412 -37.33 -52.10 9.77
CA LEU C 412 -36.36 -51.96 8.71
C LEU C 412 -35.39 -53.15 8.71
N GLU C 413 -34.98 -53.59 9.89
CA GLU C 413 -34.05 -54.71 9.91
C GLU C 413 -34.69 -55.96 9.35
N ALA C 414 -35.99 -56.12 9.59
CA ALA C 414 -36.75 -57.26 9.07
C ALA C 414 -36.82 -57.23 7.54
N LEU C 415 -37.24 -56.10 7.00
CA LEU C 415 -37.34 -55.98 5.56
C LEU C 415 -36.00 -56.35 4.89
N LEU C 416 -34.92 -55.67 5.29
CA LEU C 416 -33.60 -55.90 4.74
C LEU C 416 -33.15 -57.34 4.88
N ARG C 417 -33.29 -57.92 6.08
CA ARG C 417 -32.90 -59.31 6.21
C ARG C 417 -33.71 -60.12 5.21
N GLY C 418 -35.01 -59.83 5.15
CA GLY C 418 -35.86 -60.55 4.21
C GLY C 418 -35.31 -60.36 2.80
N PHE C 419 -35.04 -59.11 2.44
CA PHE C 419 -34.51 -58.81 1.12
C PHE C 419 -33.32 -59.69 0.82
N ALA C 420 -32.24 -59.50 1.57
CA ALA C 420 -31.01 -60.27 1.35
C ALA C 420 -31.29 -61.76 1.23
N ALA C 421 -32.18 -62.27 2.07
CA ALA C 421 -32.53 -63.68 2.02
C ALA C 421 -33.12 -64.01 0.65
N GLU C 422 -34.23 -63.36 0.32
CA GLU C 422 -34.94 -63.56 -0.92
C GLU C 422 -34.05 -63.31 -2.14
N LYS C 423 -32.89 -62.70 -1.94
CA LYS C 423 -31.98 -62.44 -3.04
C LYS C 423 -30.77 -63.35 -2.97
N GLY C 424 -30.83 -64.33 -2.06
CA GLY C 424 -29.72 -65.24 -1.90
C GLY C 424 -28.45 -64.43 -1.84
N VAL C 425 -28.30 -63.67 -0.76
CA VAL C 425 -27.11 -62.84 -0.57
C VAL C 425 -26.93 -62.52 0.89
N LYS C 426 -25.69 -62.23 1.27
CA LYS C 426 -25.34 -61.92 2.65
C LYS C 426 -25.71 -60.48 3.00
N LEU C 427 -26.40 -60.29 4.13
CA LEU C 427 -26.84 -58.97 4.56
C LEU C 427 -25.89 -57.85 4.12
N GLY C 428 -24.69 -57.85 4.68
CA GLY C 428 -23.71 -56.83 4.36
C GLY C 428 -23.73 -56.41 2.89
N GLN C 429 -24.06 -57.36 2.03
CA GLN C 429 -24.11 -57.12 0.60
C GLN C 429 -25.16 -56.09 0.23
N VAL C 430 -26.21 -55.99 1.04
CA VAL C 430 -27.24 -54.99 0.78
C VAL C 430 -27.00 -53.80 1.69
N ALA C 431 -26.64 -54.10 2.94
CA ALA C 431 -26.38 -53.11 3.98
C ALA C 431 -25.29 -52.12 3.61
N GLN C 432 -24.14 -52.61 3.16
CA GLN C 432 -23.03 -51.73 2.82
C GLN C 432 -23.31 -50.75 1.67
N PRO C 433 -23.80 -51.26 0.53
CA PRO C 433 -24.08 -50.32 -0.55
C PRO C 433 -25.10 -49.27 -0.10
N LEU C 434 -26.03 -49.69 0.76
CA LEU C 434 -27.02 -48.75 1.24
C LEU C 434 -26.38 -47.75 2.18
N ARG C 435 -25.54 -48.28 3.07
CA ARG C 435 -24.83 -47.45 4.03
C ARG C 435 -24.09 -46.36 3.29
N ALA C 436 -23.42 -46.72 2.21
CA ALA C 436 -22.67 -45.77 1.39
C ALA C 436 -23.59 -44.80 0.66
N ALA C 437 -24.78 -45.26 0.31
CA ALA C 437 -25.72 -44.40 -0.38
C ALA C 437 -26.22 -43.32 0.56
N LEU C 438 -26.44 -43.72 1.81
CA LEU C 438 -26.97 -42.87 2.89
C LEU C 438 -25.96 -41.91 3.55
N THR C 439 -24.78 -42.43 3.88
CA THR C 439 -23.74 -41.68 4.57
C THR C 439 -22.55 -41.33 3.70
N GLY C 440 -22.33 -42.13 2.65
CA GLY C 440 -21.20 -41.92 1.76
C GLY C 440 -19.92 -42.15 2.53
N SER C 441 -19.94 -43.13 3.45
CA SER C 441 -18.78 -43.36 4.29
C SER C 441 -18.27 -44.78 4.35
N LEU C 442 -19.12 -45.72 4.74
CA LEU C 442 -18.71 -47.13 4.88
C LEU C 442 -18.12 -47.36 6.26
N GLU C 443 -17.94 -46.26 6.98
CA GLU C 443 -17.48 -46.22 8.37
C GLU C 443 -18.60 -45.49 9.06
N THR C 444 -19.54 -46.25 9.61
CA THR C 444 -20.73 -45.64 10.15
C THR C 444 -21.32 -46.47 11.29
N PRO C 445 -22.25 -45.88 12.07
CA PRO C 445 -22.87 -46.64 13.16
C PRO C 445 -23.78 -47.68 12.50
N GLY C 446 -24.68 -48.27 13.26
CA GLY C 446 -25.56 -49.29 12.71
C GLY C 446 -26.41 -48.83 11.55
N LEU C 447 -26.64 -49.73 10.59
CA LEU C 447 -27.45 -49.38 9.43
C LEU C 447 -28.89 -49.05 9.79
N PHE C 448 -29.52 -49.92 10.56
CA PHE C 448 -30.93 -49.68 10.91
C PHE C 448 -31.15 -48.39 11.68
N GLU C 449 -30.24 -48.01 12.56
CA GLU C 449 -30.44 -46.75 13.25
C GLU C 449 -30.25 -45.60 12.28
N ILE C 450 -29.29 -45.75 11.36
CA ILE C 450 -29.06 -44.69 10.39
C ILE C 450 -30.29 -44.53 9.55
N LEU C 451 -30.76 -45.66 9.01
CA LEU C 451 -31.93 -45.70 8.17
C LEU C 451 -33.07 -44.99 8.88
N ALA C 452 -33.31 -45.43 10.11
CA ALA C 452 -34.37 -44.91 10.96
C ALA C 452 -34.21 -43.41 11.29
N LEU C 453 -33.15 -43.08 12.00
CA LEU C 453 -32.90 -41.70 12.43
C LEU C 453 -33.36 -40.68 11.41
N LEU C 454 -32.84 -40.78 10.19
CA LEU C 454 -33.19 -39.83 9.16
C LEU C 454 -34.71 -39.67 8.94
N GLY C 455 -35.45 -40.78 8.98
CA GLY C 455 -36.89 -40.72 8.75
C GLY C 455 -37.20 -41.17 7.32
N LYS C 456 -38.34 -41.84 7.13
CA LYS C 456 -38.74 -42.35 5.81
C LYS C 456 -38.43 -41.41 4.65
N GLU C 457 -39.17 -40.32 4.57
CA GLU C 457 -38.97 -39.37 3.49
C GLU C 457 -37.52 -38.97 3.35
N ARG C 458 -36.95 -38.44 4.44
CA ARG C 458 -35.55 -37.99 4.46
C ARG C 458 -34.61 -39.06 3.90
N ALA C 459 -34.75 -40.27 4.40
CA ALA C 459 -33.92 -41.38 3.99
C ALA C 459 -34.08 -41.70 2.51
N LEU C 460 -35.30 -42.07 2.10
CA LEU C 460 -35.54 -42.44 0.72
C LEU C 460 -35.10 -41.36 -0.27
N ARG C 461 -35.57 -40.12 -0.06
CA ARG C 461 -35.20 -39.03 -0.94
C ARG C 461 -33.69 -39.02 -1.23
N ARG C 462 -32.88 -39.06 -0.17
CA ARG C 462 -31.42 -39.06 -0.27
C ARG C 462 -30.96 -40.27 -1.08
N LEU C 463 -31.37 -41.46 -0.63
CA LEU C 463 -31.01 -42.68 -1.33
C LEU C 463 -31.45 -42.59 -2.77
N GLU C 464 -32.45 -41.76 -3.03
CA GLU C 464 -32.93 -41.57 -4.40
C GLU C 464 -31.86 -40.86 -5.21
N ARG C 465 -31.29 -39.80 -4.65
CA ARG C 465 -30.24 -39.10 -5.36
C ARG C 465 -29.13 -40.08 -5.67
N ALA C 466 -28.74 -40.84 -4.66
CA ALA C 466 -27.69 -41.83 -4.80
C ALA C 466 -27.97 -42.76 -5.99
N LEU C 467 -29.22 -43.17 -6.13
CA LEU C 467 -29.60 -44.06 -7.22
C LEU C 467 -29.79 -43.29 -8.52
N ALA C 468 -30.00 -41.98 -8.36
CA ALA C 468 -30.23 -41.10 -9.51
C ALA C 468 -29.03 -41.07 -10.43
N MET D 1 6.68 29.15 -1.99
CA MET D 1 6.09 28.03 -2.83
C MET D 1 6.92 27.82 -4.09
N VAL D 2 6.24 27.78 -5.24
CA VAL D 2 6.91 27.64 -6.53
C VAL D 2 6.42 28.73 -7.46
N VAL D 3 7.34 29.54 -7.99
CA VAL D 3 6.95 30.59 -8.92
C VAL D 3 7.84 30.58 -10.16
N THR D 4 7.24 30.27 -11.30
CA THR D 4 7.95 30.24 -12.57
C THR D 4 7.49 31.44 -13.41
N ARG D 5 8.09 31.62 -14.58
CA ARG D 5 7.70 32.76 -15.41
C ARG D 5 8.21 32.68 -16.83
N ILE D 6 7.82 33.67 -17.63
CA ILE D 6 8.28 33.84 -19.00
C ILE D 6 8.47 35.33 -19.22
N ALA D 7 9.64 35.69 -19.71
CA ALA D 7 9.95 37.06 -20.01
C ALA D 7 10.05 37.18 -21.52
N PRO D 8 8.90 37.27 -22.21
CA PRO D 8 8.97 37.38 -23.66
C PRO D 8 9.26 38.81 -24.10
N SER D 9 9.83 38.94 -25.28
CA SER D 9 10.14 40.25 -25.80
C SER D 9 9.30 40.48 -27.04
N PRO D 10 8.39 41.45 -26.99
CA PRO D 10 7.60 41.63 -28.22
C PRO D 10 8.38 42.37 -29.32
N THR D 11 9.23 41.62 -30.03
CA THR D 11 10.03 42.16 -31.13
C THR D 11 9.88 41.28 -32.36
N GLY D 12 8.63 40.93 -32.69
CA GLY D 12 8.39 40.10 -33.85
C GLY D 12 7.17 39.22 -33.69
N ASP D 13 6.98 38.27 -34.60
CA ASP D 13 5.84 37.37 -34.49
C ASP D 13 5.97 36.49 -33.23
N PRO D 14 4.84 36.04 -32.68
CA PRO D 14 4.84 35.19 -31.49
C PRO D 14 5.60 33.89 -31.82
N HIS D 15 6.78 33.74 -31.23
CA HIS D 15 7.61 32.58 -31.52
C HIS D 15 7.20 31.27 -30.87
N VAL D 16 7.44 30.17 -31.58
CA VAL D 16 7.11 28.83 -31.11
C VAL D 16 7.99 28.44 -29.94
N GLY D 17 9.24 28.88 -29.98
CA GLY D 17 10.17 28.58 -28.90
C GLY D 17 9.69 29.20 -27.60
N THR D 18 9.01 30.33 -27.70
CA THR D 18 8.46 30.99 -26.53
C THR D 18 7.36 30.11 -25.94
N ALA D 19 6.54 29.56 -26.82
CA ALA D 19 5.48 28.67 -26.36
C ALA D 19 6.12 27.47 -25.67
N TYR D 20 7.19 26.97 -26.28
CA TYR D 20 7.92 25.83 -25.74
C TYR D 20 8.24 26.03 -24.24
N ILE D 21 8.87 27.16 -23.95
CA ILE D 21 9.28 27.47 -22.60
C ILE D 21 8.08 27.75 -21.71
N ALA D 22 7.13 28.50 -22.26
CA ALA D 22 5.92 28.82 -21.54
C ALA D 22 5.26 27.51 -21.07
N LEU D 23 5.00 26.62 -22.01
CA LEU D 23 4.38 25.33 -21.76
C LEU D 23 5.00 24.61 -20.57
N PHE D 24 6.31 24.70 -20.44
CA PHE D 24 7.00 24.03 -19.34
C PHE D 24 6.97 24.82 -18.02
N ASN D 25 6.91 26.13 -18.10
CA ASN D 25 6.85 26.90 -16.89
C ASN D 25 5.47 26.74 -16.29
N TYR D 26 4.49 26.74 -17.18
CA TYR D 26 3.10 26.56 -16.81
C TYR D 26 2.95 25.23 -16.10
N ALA D 27 3.51 24.18 -16.71
CA ALA D 27 3.45 22.84 -16.16
C ALA D 27 4.05 22.78 -14.77
N TRP D 28 5.33 23.08 -14.68
CA TRP D 28 6.03 23.04 -13.41
C TRP D 28 5.26 23.80 -12.35
N ALA D 29 4.86 25.04 -12.65
CA ALA D 29 4.11 25.86 -11.70
C ALA D 29 2.91 25.09 -11.23
N ARG D 30 2.04 24.78 -12.18
CA ARG D 30 0.82 24.05 -11.91
C ARG D 30 1.05 22.75 -11.16
N ARG D 31 1.95 21.91 -11.68
CA ARG D 31 2.25 20.64 -11.04
C ARG D 31 2.54 20.82 -9.55
N ASN D 32 3.08 21.97 -9.17
CA ASN D 32 3.42 22.23 -7.79
C ASN D 32 2.45 23.20 -7.18
N GLY D 33 1.32 23.40 -7.84
CA GLY D 33 0.32 24.33 -7.35
C GLY D 33 0.92 25.68 -7.01
N GLY D 34 1.87 26.13 -7.80
CA GLY D 34 2.48 27.42 -7.55
C GLY D 34 1.98 28.47 -8.52
N ARG D 35 2.74 29.53 -8.70
CA ARG D 35 2.35 30.61 -9.60
C ARG D 35 3.20 30.65 -10.85
N PHE D 36 2.61 31.13 -11.93
CA PHE D 36 3.28 31.30 -13.23
C PHE D 36 3.02 32.72 -13.69
N ILE D 37 4.09 33.45 -13.90
CA ILE D 37 4.02 34.85 -14.28
C ILE D 37 4.49 35.12 -15.71
N VAL D 38 3.94 36.17 -16.31
CA VAL D 38 4.37 36.61 -17.62
C VAL D 38 4.97 38.00 -17.41
N ARG D 39 6.22 38.16 -17.80
CA ARG D 39 6.92 39.43 -17.67
C ARG D 39 7.34 39.87 -19.07
N ILE D 40 7.01 41.09 -19.45
CA ILE D 40 7.37 41.56 -20.79
C ILE D 40 8.74 42.24 -20.89
N GLU D 41 9.63 41.67 -21.69
CA GLU D 41 10.99 42.21 -21.88
C GLU D 41 10.97 43.30 -22.95
N ASP D 42 10.42 44.47 -22.61
CA ASP D 42 10.33 45.58 -23.56
C ASP D 42 11.28 46.73 -23.25
N THR D 43 12.56 46.43 -23.06
CA THR D 43 13.53 47.46 -22.71
C THR D 43 14.55 47.75 -23.81
N ASP D 44 14.24 47.35 -25.03
CA ASP D 44 15.11 47.63 -26.17
C ASP D 44 14.43 48.69 -27.02
N ARG D 45 14.55 49.93 -26.58
CA ARG D 45 13.94 51.10 -27.24
C ARG D 45 13.83 50.98 -28.76
N ALA D 46 14.96 50.85 -29.44
CA ALA D 46 15.02 50.75 -30.90
C ALA D 46 13.76 50.11 -31.50
N ARG D 47 13.45 48.89 -31.08
CA ARG D 47 12.28 48.17 -31.60
C ARG D 47 11.18 48.02 -30.55
N TYR D 48 11.03 49.03 -29.70
CA TYR D 48 10.02 49.03 -28.66
C TYR D 48 8.72 49.64 -29.19
N VAL D 49 7.63 48.88 -29.11
CA VAL D 49 6.33 49.35 -29.56
C VAL D 49 5.32 49.03 -28.48
N PRO D 50 4.56 50.04 -28.05
CA PRO D 50 3.54 49.85 -27.01
C PRO D 50 2.38 48.97 -27.45
N GLY D 51 2.55 47.66 -27.30
CA GLY D 51 1.50 46.73 -27.69
C GLY D 51 1.86 45.41 -28.34
N ALA D 52 2.90 45.38 -29.19
CA ALA D 52 3.32 44.16 -29.89
C ALA D 52 3.25 42.92 -28.99
N GLU D 53 3.37 43.17 -27.70
CA GLU D 53 3.27 42.16 -26.65
C GLU D 53 1.88 41.53 -26.65
N GLU D 54 0.88 42.27 -27.11
CA GLU D 54 -0.49 41.77 -27.15
C GLU D 54 -0.53 40.45 -27.91
N ARG D 55 0.25 40.39 -28.99
CA ARG D 55 0.33 39.21 -29.83
C ARG D 55 0.83 37.98 -29.07
N ILE D 56 1.90 38.15 -28.31
CA ILE D 56 2.46 37.04 -27.55
C ILE D 56 1.48 36.55 -26.52
N LEU D 57 0.86 37.49 -25.82
CA LEU D 57 -0.10 37.15 -24.79
C LEU D 57 -1.29 36.41 -25.41
N ALA D 58 -1.75 36.92 -26.55
CA ALA D 58 -2.87 36.31 -27.25
C ALA D 58 -2.50 34.89 -27.67
N ALA D 59 -1.28 34.75 -28.15
CA ALA D 59 -0.79 33.45 -28.58
C ALA D 59 -0.78 32.46 -27.43
N LEU D 60 -0.30 32.88 -26.28
CA LEU D 60 -0.24 32.00 -25.10
C LEU D 60 -1.63 31.50 -24.72
N LYS D 61 -2.60 32.38 -24.82
CA LYS D 61 -3.97 32.01 -24.52
C LYS D 61 -4.46 30.99 -25.57
N TRP D 62 -4.19 31.28 -26.83
CA TRP D 62 -4.59 30.41 -27.92
C TRP D 62 -4.20 28.98 -27.65
N LEU D 63 -3.01 28.81 -27.09
CA LEU D 63 -2.51 27.47 -26.84
C LEU D 63 -3.10 26.89 -25.58
N GLY D 64 -3.75 27.75 -24.80
CA GLY D 64 -4.40 27.31 -23.58
C GLY D 64 -3.61 27.48 -22.30
N LEU D 65 -2.53 28.26 -22.35
CA LEU D 65 -1.75 28.46 -21.14
C LEU D 65 -2.26 29.66 -20.41
N SER D 66 -2.60 29.48 -19.14
CA SER D 66 -3.06 30.60 -18.34
C SER D 66 -1.94 30.94 -17.38
N TYR D 67 -1.69 32.22 -17.18
CA TYR D 67 -0.66 32.65 -16.25
C TYR D 67 -1.35 33.30 -15.05
N ASP D 68 -0.77 33.18 -13.87
CA ASP D 68 -1.40 33.75 -12.69
C ASP D 68 -1.14 35.26 -12.52
N GLU D 69 -0.11 35.78 -13.17
CA GLU D 69 0.23 37.21 -13.11
C GLU D 69 0.76 37.71 -14.44
N GLY D 70 0.51 38.98 -14.75
CA GLY D 70 0.97 39.48 -16.01
C GLY D 70 0.50 40.88 -16.30
N PRO D 71 0.95 41.46 -17.41
CA PRO D 71 0.58 42.82 -17.79
C PRO D 71 -0.92 43.09 -17.85
N ASP D 72 -1.69 42.17 -18.44
CA ASP D 72 -3.14 42.34 -18.51
C ASP D 72 -3.75 41.75 -17.24
N VAL D 73 -3.46 40.48 -16.96
CA VAL D 73 -3.95 39.89 -15.72
C VAL D 73 -2.99 40.42 -14.66
N ALA D 74 -3.37 41.51 -14.02
CA ALA D 74 -2.53 42.18 -13.03
C ALA D 74 -1.84 41.24 -12.05
N ALA D 75 -1.38 41.79 -10.93
CA ALA D 75 -0.73 40.97 -9.92
C ALA D 75 -0.20 41.81 -8.78
N PRO D 76 0.26 41.15 -7.72
CA PRO D 76 0.76 41.90 -6.57
C PRO D 76 2.20 42.38 -6.63
N THR D 77 2.96 41.90 -7.60
CA THR D 77 4.37 42.26 -7.62
C THR D 77 4.84 43.16 -8.78
N GLY D 78 4.76 44.48 -8.53
CA GLY D 78 5.22 45.52 -9.44
C GLY D 78 4.84 45.39 -10.90
N PRO D 79 5.13 46.42 -11.71
CA PRO D 79 4.81 46.39 -13.15
C PRO D 79 5.36 45.10 -13.81
N TYR D 80 4.64 44.55 -14.78
CA TYR D 80 5.11 43.33 -15.47
C TYR D 80 5.67 43.62 -16.86
N ARG D 81 6.01 44.90 -17.07
CA ARG D 81 6.62 45.44 -18.28
C ARG D 81 7.99 45.99 -17.83
N GLN D 82 9.06 45.36 -18.32
CA GLN D 82 10.41 45.77 -17.94
C GLN D 82 10.65 47.26 -18.11
N SER D 83 9.83 47.90 -18.95
CA SER D 83 9.99 49.31 -19.19
C SER D 83 9.39 50.15 -18.06
N GLU D 84 8.30 49.66 -17.48
CA GLU D 84 7.61 50.36 -16.40
C GLU D 84 8.43 50.38 -15.11
N ARG D 85 9.55 49.69 -15.09
CA ARG D 85 10.30 49.66 -13.86
C ARG D 85 11.74 50.07 -14.01
N LEU D 86 12.01 51.02 -14.90
CA LEU D 86 13.37 51.46 -15.09
C LEU D 86 14.00 51.94 -13.78
N PRO D 87 13.30 52.84 -13.05
CA PRO D 87 13.82 53.35 -11.76
C PRO D 87 14.36 52.21 -10.89
N LEU D 88 13.64 51.09 -10.89
CA LEU D 88 14.04 49.93 -10.11
C LEU D 88 15.48 49.59 -10.44
N TYR D 89 15.66 49.08 -11.65
CA TYR D 89 16.97 48.71 -12.15
C TYR D 89 18.01 49.77 -11.79
N GLN D 90 17.58 51.03 -11.81
CA GLN D 90 18.44 52.16 -11.50
C GLN D 90 19.03 52.07 -10.10
N LYS D 91 18.16 52.04 -9.10
CA LYS D 91 18.59 51.97 -7.71
C LYS D 91 19.39 50.71 -7.41
N TYR D 92 18.93 49.58 -7.93
CA TYR D 92 19.66 48.36 -7.67
C TYR D 92 21.05 48.39 -8.26
N ALA D 93 21.19 49.04 -9.42
CA ALA D 93 22.51 49.15 -10.01
C ALA D 93 23.35 50.03 -9.09
N GLU D 94 22.78 51.17 -8.68
CA GLU D 94 23.49 52.07 -7.79
C GLU D 94 23.90 51.30 -6.54
N GLU D 95 23.00 50.42 -6.08
CA GLU D 95 23.26 49.59 -4.90
C GLU D 95 24.57 48.82 -5.08
N LEU D 96 24.70 48.14 -6.21
CA LEU D 96 25.89 47.35 -6.54
C LEU D 96 27.12 48.25 -6.47
N LEU D 97 26.97 49.43 -7.03
CA LEU D 97 28.01 50.43 -7.06
C LEU D 97 28.49 50.70 -5.65
N LYS D 98 27.64 51.37 -4.87
CA LYS D 98 28.00 51.66 -3.50
C LYS D 98 27.86 50.38 -2.71
N ARG D 99 28.48 49.32 -3.22
CA ARG D 99 28.47 47.98 -2.63
C ARG D 99 29.73 47.22 -3.05
N GLY D 100 30.49 47.81 -3.98
CA GLY D 100 31.73 47.23 -4.45
C GLY D 100 31.61 46.12 -5.47
N TRP D 101 30.43 45.93 -6.06
CA TRP D 101 30.29 44.86 -7.04
C TRP D 101 30.01 45.37 -8.44
N ALA D 102 30.07 46.69 -8.61
CA ALA D 102 29.82 47.30 -9.92
C ALA D 102 30.65 48.57 -10.05
N TYR D 103 30.92 49.00 -11.27
CA TYR D 103 31.70 50.23 -11.47
C TYR D 103 31.26 50.99 -12.71
N ARG D 104 31.44 52.30 -12.68
CA ARG D 104 31.09 53.13 -13.82
C ARG D 104 32.18 53.07 -14.88
N ALA D 105 31.75 52.97 -16.14
CA ALA D 105 32.68 52.95 -17.26
C ALA D 105 32.22 54.05 -18.22
N PHE D 106 33.16 54.69 -18.92
CA PHE D 106 32.76 55.77 -19.80
C PHE D 106 33.25 55.58 -21.22
N GLU D 107 34.07 54.56 -21.46
CA GLU D 107 34.58 54.31 -22.80
C GLU D 107 33.45 54.44 -23.79
N THR D 108 33.65 55.19 -24.86
CA THR D 108 32.60 55.32 -25.85
C THR D 108 32.57 54.05 -26.69
N PRO D 109 31.44 53.77 -27.36
CA PRO D 109 31.30 52.58 -28.20
C PRO D 109 32.54 52.24 -29.03
N GLU D 110 33.08 53.26 -29.69
CA GLU D 110 34.28 53.12 -30.52
C GLU D 110 35.45 52.59 -29.69
N GLU D 111 35.75 53.29 -28.60
CA GLU D 111 36.82 52.90 -27.69
C GLU D 111 36.71 51.41 -27.41
N LEU D 112 35.52 51.00 -27.01
CA LEU D 112 35.25 49.61 -26.71
C LEU D 112 35.54 48.74 -27.92
N GLU D 113 35.04 49.15 -29.08
CA GLU D 113 35.31 48.39 -30.29
C GLU D 113 36.81 48.25 -30.41
N GLN D 114 37.50 49.34 -30.07
CA GLN D 114 38.94 49.36 -30.09
C GLN D 114 39.45 48.40 -29.04
N ILE D 115 39.06 48.65 -27.81
CA ILE D 115 39.47 47.78 -26.72
C ILE D 115 39.23 46.32 -27.08
N ARG D 116 38.06 46.02 -27.63
CA ARG D 116 37.71 44.66 -28.02
C ARG D 116 38.60 44.21 -29.18
N LYS D 117 38.98 45.17 -30.02
CA LYS D 117 39.83 44.91 -31.18
C LYS D 117 41.24 44.49 -30.76
N GLU D 118 41.91 45.37 -30.01
CA GLU D 118 43.27 45.11 -29.56
C GLU D 118 43.37 43.94 -28.59
N LYS D 119 42.32 43.74 -27.78
CA LYS D 119 42.31 42.65 -26.81
C LYS D 119 40.92 42.03 -26.68
N GLY D 120 40.83 40.70 -26.86
CA GLY D 120 39.56 39.99 -26.76
C GLY D 120 38.36 40.90 -26.60
N GLY D 121 37.93 41.09 -25.35
CA GLY D 121 36.79 41.96 -25.08
C GLY D 121 37.25 43.07 -24.15
N TYR D 122 36.31 43.85 -23.61
CA TYR D 122 36.71 44.93 -22.70
C TYR D 122 37.66 44.38 -21.63
N ASP D 123 38.50 45.24 -21.07
CA ASP D 123 39.48 44.80 -20.08
C ASP D 123 39.30 45.43 -18.71
N GLY D 124 38.07 45.85 -18.41
CA GLY D 124 37.79 46.42 -17.11
C GLY D 124 38.74 47.52 -16.67
N ARG D 125 39.27 48.25 -17.64
CA ARG D 125 40.18 49.33 -17.30
C ARG D 125 39.49 50.33 -16.41
N ALA D 126 38.21 50.57 -16.66
CA ALA D 126 37.47 51.55 -15.86
C ALA D 126 37.51 51.19 -14.38
N ARG D 127 37.87 49.96 -14.07
CA ARG D 127 37.90 49.52 -12.69
C ARG D 127 38.90 50.36 -11.88
N ASN D 128 39.80 51.04 -12.58
CA ASN D 128 40.83 51.83 -11.91
C ASN D 128 40.47 53.30 -11.74
N ILE D 129 39.20 53.62 -11.80
CA ILE D 129 38.76 55.01 -11.60
C ILE D 129 38.42 55.19 -10.13
N PRO D 130 38.88 56.29 -9.51
CA PRO D 130 38.50 56.40 -8.10
C PRO D 130 37.00 56.62 -8.05
N PRO D 131 36.33 55.89 -7.15
CA PRO D 131 34.88 56.00 -6.98
C PRO D 131 34.42 57.44 -7.04
N GLU D 132 35.16 58.33 -6.38
CA GLU D 132 34.79 59.73 -6.39
C GLU D 132 34.93 60.35 -7.78
N GLU D 133 35.98 59.95 -8.49
CA GLU D 133 36.20 60.46 -9.84
C GLU D 133 35.02 60.02 -10.70
N ALA D 134 34.75 58.71 -10.65
CA ALA D 134 33.66 58.11 -11.40
C ALA D 134 32.36 58.78 -10.99
N GLU D 135 32.16 58.88 -9.68
CA GLU D 135 30.96 59.51 -9.16
C GLU D 135 30.84 60.95 -9.70
N GLU D 136 31.95 61.68 -9.63
CA GLU D 136 31.98 63.04 -10.12
C GLU D 136 31.57 63.10 -11.60
N ARG D 137 32.36 62.48 -12.46
CA ARG D 137 32.08 62.47 -13.90
C ARG D 137 30.62 62.10 -14.15
N ALA D 138 30.08 61.25 -13.27
CA ALA D 138 28.69 60.84 -13.36
C ALA D 138 27.79 62.01 -13.00
N ARG D 139 28.12 62.66 -11.89
CA ARG D 139 27.39 63.85 -11.42
C ARG D 139 27.32 64.86 -12.55
N ARG D 140 28.47 65.15 -13.16
CA ARG D 140 28.52 66.11 -14.25
C ARG D 140 27.81 65.54 -15.48
N GLY D 141 26.85 64.64 -15.22
CA GLY D 141 26.07 64.03 -16.27
C GLY D 141 26.85 63.40 -17.41
N GLU D 142 28.07 62.92 -17.11
CA GLU D 142 28.89 62.27 -18.13
C GLU D 142 28.30 60.91 -18.45
N PRO D 143 28.13 60.59 -19.75
CA PRO D 143 27.58 59.30 -20.17
C PRO D 143 28.44 58.13 -19.71
N HIS D 144 27.81 57.05 -19.30
CA HIS D 144 28.56 55.89 -18.85
C HIS D 144 27.65 54.70 -18.61
N VAL D 145 28.28 53.56 -18.35
CA VAL D 145 27.56 52.34 -18.06
C VAL D 145 27.95 51.87 -16.68
N ILE D 146 27.18 50.94 -16.14
CA ILE D 146 27.48 50.39 -14.84
C ILE D 146 27.72 48.92 -15.04
N ARG D 147 28.99 48.54 -15.02
CA ARG D 147 29.39 47.17 -15.25
C ARG D 147 29.58 46.37 -13.96
N LEU D 148 29.30 45.07 -14.04
CA LEU D 148 29.45 44.18 -12.90
C LEU D 148 30.93 44.01 -12.58
N LYS D 149 31.30 44.21 -11.33
CA LYS D 149 32.70 44.09 -10.91
C LYS D 149 32.99 42.65 -10.51
N VAL D 150 33.18 41.79 -11.49
CA VAL D 150 33.46 40.40 -11.21
C VAL D 150 34.78 40.24 -10.48
N PRO D 151 34.77 39.50 -9.35
CA PRO D 151 35.98 39.25 -8.56
C PRO D 151 36.90 38.56 -9.52
N ARG D 152 37.81 39.33 -10.12
CA ARG D 152 38.73 38.82 -11.11
C ARG D 152 39.45 37.52 -10.75
N PRO D 153 40.36 37.53 -9.76
CA PRO D 153 40.98 36.23 -9.51
C PRO D 153 40.04 35.31 -8.75
N GLY D 154 39.27 34.51 -9.48
CA GLY D 154 38.33 33.62 -8.82
C GLY D 154 37.54 32.66 -9.69
N THR D 155 36.60 31.97 -9.07
CA THR D 155 35.76 30.98 -9.73
C THR D 155 34.32 31.01 -9.19
N THR D 156 33.35 30.71 -10.06
CA THR D 156 31.93 30.73 -9.69
C THR D 156 31.25 29.39 -9.97
N GLU D 157 30.55 28.87 -8.97
CA GLU D 157 29.85 27.60 -9.11
C GLU D 157 28.40 27.80 -9.49
N VAL D 158 27.99 27.14 -10.56
CA VAL D 158 26.61 27.25 -11.04
C VAL D 158 25.95 25.86 -11.09
N LYS D 159 24.68 25.77 -10.72
CA LYS D 159 24.04 24.47 -10.71
C LYS D 159 22.71 24.40 -11.46
N ASP D 160 22.72 23.64 -12.55
CA ASP D 160 21.50 23.43 -13.30
C ASP D 160 20.82 22.24 -12.64
N GLU D 161 19.53 22.33 -12.40
CA GLU D 161 18.86 21.22 -11.76
C GLU D 161 18.85 20.00 -12.67
N LEU D 162 19.03 20.25 -13.97
CA LEU D 162 19.02 19.20 -14.98
C LEU D 162 20.41 18.70 -15.35
N ARG D 163 21.40 19.59 -15.35
CA ARG D 163 22.71 19.13 -15.72
C ARG D 163 23.64 18.95 -14.54
N GLY D 164 23.35 19.62 -13.43
CA GLY D 164 24.20 19.49 -12.27
C GLY D 164 25.04 20.73 -12.05
N VAL D 165 26.12 20.60 -11.27
CA VAL D 165 26.97 21.76 -10.99
C VAL D 165 28.01 22.00 -12.09
N VAL D 166 28.08 23.24 -12.55
CA VAL D 166 28.98 23.66 -13.61
C VAL D 166 29.89 24.76 -13.10
N VAL D 167 30.98 24.41 -12.44
CA VAL D 167 31.89 25.44 -11.95
C VAL D 167 32.47 26.23 -13.12
N TYR D 168 32.67 27.53 -12.92
CA TYR D 168 33.20 28.39 -13.96
C TYR D 168 34.43 29.15 -13.47
N ASP D 169 35.21 29.65 -14.42
CA ASP D 169 36.40 30.42 -14.12
C ASP D 169 36.08 31.89 -14.33
N ASN D 170 36.09 32.67 -13.26
CA ASN D 170 35.78 34.10 -13.37
C ASN D 170 36.43 34.73 -14.60
N GLN D 171 37.56 34.18 -15.02
CA GLN D 171 38.26 34.71 -16.18
C GLN D 171 37.35 34.62 -17.39
N GLU D 172 36.46 33.63 -17.39
CA GLU D 172 35.53 33.48 -18.51
C GLU D 172 34.33 34.41 -18.31
N ILE D 173 34.16 34.91 -17.09
CA ILE D 173 33.01 35.78 -16.82
C ILE D 173 33.36 37.25 -16.88
N PRO D 174 32.79 37.95 -17.86
CA PRO D 174 32.96 39.39 -18.14
C PRO D 174 32.32 40.34 -17.15
N ASP D 175 32.72 41.60 -17.21
CA ASP D 175 32.15 42.63 -16.35
C ASP D 175 31.02 43.26 -17.15
N VAL D 176 30.04 42.42 -17.50
CA VAL D 176 28.90 42.85 -18.31
C VAL D 176 28.21 44.11 -17.83
N VAL D 177 27.91 44.99 -18.77
CA VAL D 177 27.21 46.19 -18.41
C VAL D 177 25.80 45.80 -17.93
N LEU D 178 25.39 46.39 -16.80
CA LEU D 178 24.07 46.09 -16.26
C LEU D 178 23.14 47.23 -16.60
N LEU D 179 23.60 48.44 -16.36
CA LEU D 179 22.81 49.63 -16.68
C LEU D 179 23.45 50.26 -17.90
N LYS D 180 22.68 50.38 -18.97
CA LYS D 180 23.22 50.98 -20.18
C LYS D 180 23.27 52.49 -20.04
N SER D 181 23.97 53.16 -20.94
CA SER D 181 24.09 54.61 -20.84
C SER D 181 22.73 55.28 -20.94
N ASP D 182 21.81 54.72 -21.71
CA ASP D 182 20.48 55.32 -21.82
C ASP D 182 19.69 55.13 -20.52
N GLY D 183 20.35 54.60 -19.50
CA GLY D 183 19.70 54.38 -18.22
C GLY D 183 18.91 53.10 -18.16
N TYR D 184 18.92 52.36 -19.27
CA TYR D 184 18.22 51.08 -19.36
C TYR D 184 19.15 49.95 -18.97
N PRO D 185 18.61 48.91 -18.32
CA PRO D 185 19.41 47.77 -17.88
C PRO D 185 19.57 46.70 -18.94
N THR D 186 20.33 45.66 -18.59
CA THR D 186 20.55 44.53 -19.46
C THR D 186 19.84 43.31 -18.84
N TYR D 187 19.53 42.28 -19.63
CA TYR D 187 18.85 41.08 -19.09
C TYR D 187 19.44 40.72 -17.76
N HIS D 188 20.77 40.73 -17.73
CA HIS D 188 21.54 40.38 -16.56
C HIS D 188 21.06 41.10 -15.32
N LEU D 189 20.90 42.40 -15.44
CA LEU D 189 20.43 43.18 -14.31
C LEU D 189 18.94 42.95 -14.04
N ALA D 190 18.13 43.17 -15.07
CA ALA D 190 16.68 43.08 -14.95
C ALA D 190 16.16 41.71 -14.54
N ASN D 191 16.76 40.65 -15.07
CA ASN D 191 16.21 39.35 -14.72
C ASN D 191 16.37 39.05 -13.24
N VAL D 192 17.57 39.25 -12.70
CA VAL D 192 17.79 38.98 -11.28
C VAL D 192 16.93 39.87 -10.36
N VAL D 193 16.82 41.15 -10.69
CA VAL D 193 16.04 42.08 -9.89
C VAL D 193 14.57 41.67 -9.88
N ASP D 194 14.00 41.52 -11.07
CA ASP D 194 12.60 41.13 -11.27
C ASP D 194 12.31 39.74 -10.71
N ASP D 195 13.16 38.78 -11.04
CA ASP D 195 12.99 37.42 -10.53
C ASP D 195 12.87 37.42 -9.02
N HIS D 196 13.80 38.11 -8.37
CA HIS D 196 13.80 38.21 -6.91
C HIS D 196 12.57 38.94 -6.42
N LEU D 197 12.43 40.18 -6.86
CA LEU D 197 11.32 41.03 -6.47
C LEU D 197 9.95 40.38 -6.70
N MET D 198 9.82 39.60 -7.77
CA MET D 198 8.57 38.95 -8.11
C MET D 198 8.44 37.60 -7.43
N GLY D 199 9.51 37.18 -6.75
CA GLY D 199 9.47 35.91 -6.06
C GLY D 199 9.58 34.65 -6.90
N VAL D 200 10.28 34.69 -8.02
CA VAL D 200 10.39 33.48 -8.79
C VAL D 200 11.42 32.58 -8.14
N THR D 201 11.01 31.34 -7.92
CA THR D 201 11.79 30.31 -7.25
C THR D 201 12.43 29.35 -8.23
N ASP D 202 11.77 29.17 -9.37
CA ASP D 202 12.27 28.25 -10.41
C ASP D 202 12.46 28.96 -11.73
N VAL D 203 13.71 29.12 -12.15
CA VAL D 203 13.97 29.78 -13.42
C VAL D 203 14.16 28.75 -14.51
N ILE D 204 13.15 28.61 -15.37
CA ILE D 204 13.19 27.66 -16.48
C ILE D 204 13.34 28.44 -17.78
N ARG D 205 14.52 28.37 -18.39
CA ARG D 205 14.75 29.12 -19.62
C ARG D 205 15.52 28.31 -20.64
N ALA D 206 15.65 28.88 -21.84
CA ALA D 206 16.35 28.23 -22.93
C ALA D 206 17.83 28.06 -22.60
N GLU D 207 18.38 26.92 -23.00
CA GLU D 207 19.78 26.62 -22.75
C GLU D 207 20.66 27.81 -23.16
N GLU D 208 20.22 28.57 -24.16
CA GLU D 208 21.01 29.69 -24.63
C GLU D 208 21.62 30.49 -23.48
N TRP D 209 20.84 30.65 -22.43
CA TRP D 209 21.24 31.45 -21.29
C TRP D 209 22.08 30.72 -20.28
N LEU D 210 22.45 29.47 -20.57
CA LEU D 210 23.20 28.72 -19.58
C LEU D 210 24.47 29.41 -19.15
N VAL D 211 25.34 29.71 -20.11
CA VAL D 211 26.63 30.34 -19.81
C VAL D 211 26.47 31.71 -19.16
N SER D 212 25.31 32.32 -19.30
CA SER D 212 25.11 33.62 -18.70
C SER D 212 24.70 33.47 -17.25
N THR D 213 24.38 32.25 -16.85
CA THR D 213 23.94 32.00 -15.48
C THR D 213 24.97 32.44 -14.46
N PRO D 214 26.27 32.13 -14.70
CA PRO D 214 27.30 32.53 -13.74
C PRO D 214 27.19 34.01 -13.36
N ILE D 215 26.84 34.84 -14.32
CA ILE D 215 26.65 36.26 -14.06
C ILE D 215 25.51 36.46 -13.07
N HIS D 216 24.42 35.73 -13.31
CA HIS D 216 23.25 35.83 -12.47
C HIS D 216 23.50 35.36 -11.05
N VAL D 217 24.14 34.20 -10.91
CA VAL D 217 24.41 33.70 -9.57
C VAL D 217 25.31 34.70 -8.84
N LEU D 218 26.18 35.36 -9.60
CA LEU D 218 27.10 36.36 -9.08
C LEU D 218 26.33 37.58 -8.61
N LEU D 219 25.38 38.02 -9.44
CA LEU D 219 24.54 39.17 -9.09
C LEU D 219 23.70 38.84 -7.83
N TYR D 220 23.11 37.64 -7.81
CA TYR D 220 22.33 37.25 -6.65
C TYR D 220 23.24 37.34 -5.44
N ARG D 221 24.51 37.02 -5.67
CA ARG D 221 25.50 37.06 -4.62
C ARG D 221 25.71 38.50 -4.13
N ALA D 222 26.01 39.41 -5.05
CA ALA D 222 26.23 40.81 -4.74
C ALA D 222 25.11 41.40 -3.92
N PHE D 223 23.88 41.18 -4.39
CA PHE D 223 22.67 41.67 -3.76
C PHE D 223 22.40 41.01 -2.41
N GLY D 224 23.14 39.94 -2.16
CA GLY D 224 22.99 39.23 -0.91
C GLY D 224 21.65 38.58 -0.75
N TRP D 225 21.21 37.82 -1.75
CA TRP D 225 19.93 37.14 -1.62
C TRP D 225 19.82 35.88 -2.49
N GLU D 226 19.16 34.87 -1.91
CA GLU D 226 18.93 33.53 -2.44
C GLU D 226 18.69 33.42 -3.93
N ALA D 227 19.49 32.57 -4.57
CA ALA D 227 19.35 32.33 -6.00
C ALA D 227 18.23 31.32 -6.16
N PRO D 228 17.53 31.34 -7.30
CA PRO D 228 16.44 30.38 -7.48
C PRO D 228 16.99 29.17 -8.18
N ARG D 229 16.15 28.16 -8.39
CA ARG D 229 16.60 26.96 -9.09
C ARG D 229 16.68 27.28 -10.56
N PHE D 230 17.63 26.66 -11.26
CA PHE D 230 17.77 26.91 -12.68
C PHE D 230 17.54 25.63 -13.49
N TYR D 231 16.76 25.76 -14.55
CA TYR D 231 16.47 24.68 -15.47
C TYR D 231 16.62 25.25 -16.88
N HIS D 232 17.50 24.68 -17.68
CA HIS D 232 17.68 25.23 -19.01
C HIS D 232 17.21 24.25 -20.06
N MET D 233 16.11 24.59 -20.71
CA MET D 233 15.57 23.67 -21.69
C MET D 233 16.41 23.65 -22.95
N PRO D 234 16.52 22.46 -23.55
CA PRO D 234 17.26 22.29 -24.80
C PRO D 234 16.58 23.17 -25.85
N LEU D 235 17.37 23.72 -26.75
CA LEU D 235 16.82 24.57 -27.81
C LEU D 235 16.13 23.73 -28.87
N LEU D 236 14.98 24.20 -29.34
CA LEU D 236 14.30 23.48 -30.40
C LEU D 236 15.18 23.68 -31.63
N ARG D 237 15.30 22.67 -32.47
CA ARG D 237 16.17 22.84 -33.63
C ARG D 237 15.45 22.77 -34.96
N ASN D 238 16.13 23.27 -35.97
CA ASN D 238 15.65 23.23 -37.34
C ASN D 238 15.98 21.83 -37.81
N PRO D 239 15.44 21.41 -38.96
CA PRO D 239 15.76 20.06 -39.44
C PRO D 239 17.26 19.79 -39.46
N ASP D 240 18.04 20.83 -39.79
CA ASP D 240 19.50 20.74 -39.84
C ASP D 240 20.13 20.92 -38.43
N LYS D 241 19.50 20.30 -37.44
CA LYS D 241 19.95 20.32 -36.04
C LYS D 241 20.39 21.70 -35.49
N THR D 242 20.14 22.78 -36.22
CA THR D 242 20.49 24.11 -35.70
C THR D 242 19.28 24.71 -35.01
N LYS D 243 19.50 25.48 -33.94
CA LYS D 243 18.40 26.09 -33.20
C LYS D 243 17.37 26.66 -34.17
N ILE D 244 16.09 26.28 -33.99
CA ILE D 244 15.04 26.72 -34.92
C ILE D 244 15.25 28.12 -35.41
N SER D 245 15.19 28.25 -36.73
CA SER D 245 15.35 29.52 -37.39
C SER D 245 14.11 29.83 -38.21
N LYS D 246 13.78 31.11 -38.29
CA LYS D 246 12.61 31.51 -39.06
C LYS D 246 12.72 31.06 -40.51
N ARG D 247 13.92 31.19 -41.07
CA ARG D 247 14.17 30.86 -42.46
C ARG D 247 14.43 29.38 -42.74
N LYS D 248 14.47 28.55 -41.71
CA LYS D 248 14.74 27.13 -41.93
C LYS D 248 13.54 26.26 -41.50
N SER D 249 12.50 26.93 -40.98
CA SER D 249 11.28 26.27 -40.52
C SER D 249 10.33 27.35 -40.06
N HIS D 250 9.07 27.01 -39.84
CA HIS D 250 8.12 28.01 -39.39
C HIS D 250 8.17 28.14 -37.90
N THR D 251 8.53 29.32 -37.42
CA THR D 251 8.64 29.57 -35.98
C THR D 251 7.46 30.38 -35.45
N SER D 252 6.75 31.04 -36.36
CA SER D 252 5.62 31.87 -35.96
C SER D 252 4.39 31.07 -35.67
N LEU D 253 3.85 31.26 -34.49
CA LEU D 253 2.64 30.56 -34.08
C LEU D 253 1.49 30.99 -34.95
N ASP D 254 1.57 32.23 -35.42
CA ASP D 254 0.54 32.78 -36.28
C ASP D 254 0.46 31.97 -37.59
N TRP D 255 1.55 31.32 -37.95
CA TRP D 255 1.57 30.52 -39.16
C TRP D 255 0.84 29.20 -38.90
N TYR D 256 1.17 28.58 -37.77
CA TYR D 256 0.58 27.33 -37.37
C TYR D 256 -0.93 27.44 -37.26
N LYS D 257 -1.39 28.51 -36.61
CA LYS D 257 -2.82 28.72 -36.48
C LYS D 257 -3.41 28.85 -37.88
N ALA D 258 -2.72 29.60 -38.73
CA ALA D 258 -3.13 29.85 -40.12
C ALA D 258 -3.25 28.58 -40.96
N GLU D 259 -2.31 27.65 -40.77
CA GLU D 259 -2.29 26.42 -41.54
C GLU D 259 -3.22 25.34 -41.02
N GLY D 260 -4.22 25.75 -40.24
CA GLY D 260 -5.17 24.81 -39.71
C GLY D 260 -4.65 23.81 -38.71
N PHE D 261 -3.80 24.26 -37.79
CA PHE D 261 -3.26 23.37 -36.77
C PHE D 261 -4.00 23.58 -35.47
N LEU D 262 -4.39 22.49 -34.82
CA LEU D 262 -5.11 22.58 -33.55
C LEU D 262 -4.16 22.96 -32.44
N PRO D 263 -4.47 24.02 -31.69
CA PRO D 263 -3.56 24.40 -30.61
C PRO D 263 -3.36 23.26 -29.63
N GLU D 264 -4.40 22.47 -29.42
CA GLU D 264 -4.28 21.35 -28.49
C GLU D 264 -3.24 20.37 -29.00
N ALA D 265 -3.19 20.21 -30.32
CA ALA D 265 -2.24 19.30 -30.94
C ALA D 265 -0.84 19.86 -30.87
N LEU D 266 -0.69 21.12 -31.28
CA LEU D 266 0.61 21.77 -31.24
C LEU D 266 1.16 21.71 -29.84
N ARG D 267 0.30 22.00 -28.87
CA ARG D 267 0.75 21.97 -27.48
C ARG D 267 1.17 20.58 -27.09
N ASN D 268 0.36 19.60 -27.46
CA ASN D 268 0.70 18.23 -27.16
C ASN D 268 2.00 17.89 -27.89
N TYR D 269 2.18 18.42 -29.10
CA TYR D 269 3.39 18.12 -29.84
C TYR D 269 4.56 18.72 -29.10
N LEU D 270 4.45 19.99 -28.75
CA LEU D 270 5.51 20.66 -28.02
C LEU D 270 5.89 19.90 -26.75
N CYS D 271 4.92 19.26 -26.12
CA CYS D 271 5.19 18.50 -24.89
C CYS D 271 6.20 17.37 -25.12
N LEU D 272 6.10 16.70 -26.27
CA LEU D 272 6.99 15.60 -26.55
C LEU D 272 8.41 16.09 -26.86
N MET D 273 8.53 17.42 -27.00
CA MET D 273 9.81 18.07 -27.23
C MET D 273 10.60 18.05 -25.92
N GLY D 274 11.09 16.87 -25.55
CA GLY D 274 11.85 16.75 -24.32
C GLY D 274 11.19 15.82 -23.33
N PHE D 275 9.91 16.07 -23.04
CA PHE D 275 9.18 15.23 -22.08
C PHE D 275 8.54 13.96 -22.70
N SER D 276 8.34 12.95 -21.86
CA SER D 276 7.78 11.68 -22.29
C SER D 276 6.93 11.06 -21.19
N MET D 277 5.79 10.48 -21.56
CA MET D 277 4.91 9.82 -20.60
C MET D 277 5.53 8.49 -20.21
N PRO D 278 5.41 8.08 -18.93
CA PRO D 278 5.99 6.80 -18.52
C PRO D 278 5.51 5.65 -19.39
N ASP D 279 4.21 5.61 -19.68
CA ASP D 279 3.65 4.54 -20.50
C ASP D 279 3.83 4.74 -21.99
N GLY D 280 4.63 5.71 -22.37
CA GLY D 280 4.88 5.93 -23.78
C GLY D 280 3.70 6.46 -24.58
N ARG D 281 2.60 6.77 -23.91
CA ARG D 281 1.46 7.31 -24.64
C ARG D 281 1.82 8.70 -25.16
N GLU D 282 1.62 8.91 -26.46
CA GLU D 282 1.94 10.18 -27.10
C GLU D 282 0.77 11.16 -27.17
N ILE D 283 -0.44 10.69 -26.91
CA ILE D 283 -1.58 11.59 -26.96
C ILE D 283 -2.14 11.74 -25.56
N PHE D 284 -2.11 12.98 -25.05
CA PHE D 284 -2.63 13.31 -23.72
C PHE D 284 -3.00 14.80 -23.68
N THR D 285 -3.75 15.18 -22.66
CA THR D 285 -4.21 16.55 -22.50
C THR D 285 -3.22 17.40 -21.73
N LEU D 286 -3.43 18.70 -21.75
CA LEU D 286 -2.55 19.58 -21.03
C LEU D 286 -2.59 19.19 -19.57
N GLU D 287 -3.77 18.82 -19.07
CA GLU D 287 -3.94 18.43 -17.67
C GLU D 287 -3.10 17.21 -17.34
N GLU D 288 -3.14 16.21 -18.21
CA GLU D 288 -2.38 14.99 -18.01
C GLU D 288 -0.87 15.27 -17.97
N PHE D 289 -0.46 16.30 -18.70
CA PHE D 289 0.93 16.70 -18.77
C PHE D 289 1.34 17.34 -17.43
N ILE D 290 0.60 18.37 -17.01
CA ILE D 290 0.93 19.06 -15.76
C ILE D 290 0.91 18.08 -14.61
N GLN D 291 0.23 16.96 -14.81
CA GLN D 291 0.10 15.93 -13.79
C GLN D 291 1.26 14.96 -13.82
N ALA D 292 1.59 14.47 -15.01
CA ALA D 292 2.67 13.49 -15.13
C ALA D 292 4.04 14.16 -15.17
N PHE D 293 4.07 15.48 -15.13
CA PHE D 293 5.35 16.18 -15.19
C PHE D 293 6.34 15.86 -14.07
N THR D 294 7.59 15.71 -14.48
CA THR D 294 8.68 15.41 -13.60
C THR D 294 9.96 15.65 -14.38
N TRP D 295 10.93 16.31 -13.75
CA TRP D 295 12.18 16.59 -14.42
C TRP D 295 12.94 15.31 -14.72
N GLU D 296 12.56 14.24 -14.05
CA GLU D 296 13.23 12.99 -14.30
C GLU D 296 12.83 12.43 -15.64
N ARG D 297 11.86 13.05 -16.29
CA ARG D 297 11.39 12.55 -17.57
C ARG D 297 11.67 13.50 -18.73
N VAL D 298 12.46 14.54 -18.48
CA VAL D 298 12.82 15.50 -19.53
C VAL D 298 14.18 15.14 -20.08
N SER D 299 14.26 14.97 -21.41
CA SER D 299 15.50 14.62 -22.09
C SER D 299 16.28 15.88 -22.44
N LEU D 300 17.62 15.78 -22.52
CA LEU D 300 18.43 16.96 -22.77
C LEU D 300 18.92 17.23 -24.16
N GLY D 301 18.73 16.31 -25.09
CA GLY D 301 19.18 16.54 -26.47
C GLY D 301 18.35 17.63 -27.14
N GLY D 302 18.90 18.26 -28.17
CA GLY D 302 18.17 19.31 -28.89
C GLY D 302 17.13 18.68 -29.81
N PRO D 303 15.84 18.97 -29.61
CA PRO D 303 14.85 18.36 -30.48
C PRO D 303 14.58 19.03 -31.81
N VAL D 304 14.60 18.24 -32.88
CA VAL D 304 14.29 18.77 -34.21
C VAL D 304 12.77 18.78 -34.39
N PHE D 305 12.20 19.97 -34.61
CA PHE D 305 10.75 20.11 -34.81
C PHE D 305 10.38 19.44 -36.11
N ASP D 306 9.50 18.45 -36.01
CA ASP D 306 9.03 17.66 -37.14
C ASP D 306 7.64 18.09 -37.59
N LEU D 307 7.59 18.92 -38.61
CA LEU D 307 6.31 19.36 -39.12
C LEU D 307 5.49 18.13 -39.44
N GLU D 308 6.18 17.08 -39.88
CA GLU D 308 5.50 15.85 -40.23
C GLU D 308 4.85 15.19 -39.02
N LYS D 309 5.61 14.94 -37.96
CA LYS D 309 4.93 14.33 -36.82
C LYS D 309 3.86 15.26 -36.27
N LEU D 310 4.13 16.57 -36.31
CA LEU D 310 3.13 17.54 -35.86
C LEU D 310 1.85 17.30 -36.66
N ARG D 311 1.99 17.31 -37.98
CA ARG D 311 0.89 17.07 -38.88
C ARG D 311 0.15 15.80 -38.46
N TRP D 312 0.90 14.70 -38.32
CA TRP D 312 0.32 13.42 -37.91
C TRP D 312 -0.47 13.61 -36.64
N MET D 313 0.11 14.36 -35.72
CA MET D 313 -0.57 14.62 -34.45
C MET D 313 -1.90 15.34 -34.70
N ASN D 314 -1.84 16.45 -35.44
CA ASN D 314 -3.02 17.23 -35.73
C ASN D 314 -4.12 16.35 -36.30
N GLY D 315 -3.75 15.44 -37.20
CA GLY D 315 -4.71 14.53 -37.81
C GLY D 315 -5.35 13.62 -36.77
N LYS D 316 -4.52 12.99 -35.94
CA LYS D 316 -5.03 12.10 -34.90
C LYS D 316 -6.00 12.83 -33.97
N TYR D 317 -5.67 14.07 -33.63
CA TYR D 317 -6.51 14.90 -32.75
C TYR D 317 -7.85 15.14 -33.43
N ILE D 318 -7.78 15.46 -34.71
CA ILE D 318 -8.94 15.74 -35.53
C ILE D 318 -9.85 14.53 -35.62
N ARG D 319 -9.28 13.35 -35.49
CA ARG D 319 -10.12 12.19 -35.67
C ARG D 319 -10.37 11.38 -34.41
N GLU D 320 -9.61 11.63 -33.35
CA GLU D 320 -9.82 10.84 -32.16
C GLU D 320 -10.05 11.63 -30.89
N VAL D 321 -9.48 12.83 -30.79
CA VAL D 321 -9.64 13.63 -29.56
C VAL D 321 -10.85 14.54 -29.63
N LEU D 322 -10.95 15.32 -30.69
CA LEU D 322 -12.07 16.24 -30.84
C LEU D 322 -13.33 15.49 -31.27
N SER D 323 -14.48 16.11 -31.03
CA SER D 323 -15.74 15.52 -31.42
C SER D 323 -16.10 16.01 -32.82
N LEU D 324 -16.90 15.23 -33.53
CA LEU D 324 -17.29 15.58 -34.89
C LEU D 324 -17.84 17.00 -34.90
N GLU D 325 -18.62 17.33 -33.88
CA GLU D 325 -19.21 18.66 -33.75
C GLU D 325 -18.12 19.69 -33.59
N GLU D 326 -17.12 19.32 -32.82
CA GLU D 326 -15.99 20.17 -32.52
C GLU D 326 -15.19 20.45 -33.79
N VAL D 327 -14.98 19.40 -34.58
CA VAL D 327 -14.24 19.61 -35.81
C VAL D 327 -15.07 20.46 -36.76
N ALA D 328 -16.31 20.05 -36.98
CA ALA D 328 -17.21 20.79 -37.86
C ALA D 328 -17.22 22.28 -37.52
N GLU D 329 -16.89 22.64 -36.28
CA GLU D 329 -16.89 24.04 -35.88
C GLU D 329 -15.61 24.73 -36.30
N ARG D 330 -14.50 24.09 -35.96
CA ARG D 330 -13.17 24.62 -36.27
C ARG D 330 -12.94 24.76 -37.77
N VAL D 331 -13.57 23.86 -38.52
CA VAL D 331 -13.43 23.83 -39.96
C VAL D 331 -14.00 25.07 -40.65
N LYS D 332 -15.11 25.59 -40.12
CA LYS D 332 -15.78 26.74 -40.73
C LYS D 332 -14.82 27.83 -41.21
N PRO D 333 -14.08 28.47 -40.28
CA PRO D 333 -13.16 29.52 -40.69
C PRO D 333 -12.44 29.22 -42.00
N PHE D 334 -11.95 28.01 -42.15
CA PHE D 334 -11.22 27.63 -43.34
C PHE D 334 -12.15 27.55 -44.53
N LEU D 335 -13.39 27.13 -44.32
CA LEU D 335 -14.29 27.08 -45.44
C LEU D 335 -14.51 28.49 -45.91
N ARG D 336 -14.92 29.36 -45.00
CA ARG D 336 -15.17 30.76 -45.34
C ARG D 336 -13.97 31.41 -46.02
N GLU D 337 -12.78 31.11 -45.51
CA GLU D 337 -11.59 31.68 -46.13
C GLU D 337 -11.40 31.15 -47.54
N ALA D 338 -11.80 29.90 -47.78
CA ALA D 338 -11.66 29.31 -49.10
C ALA D 338 -12.77 29.77 -50.02
N GLY D 339 -13.65 30.63 -49.50
CA GLY D 339 -14.75 31.13 -50.28
C GLY D 339 -15.94 30.18 -50.29
N LEU D 340 -15.74 28.98 -49.75
CA LEU D 340 -16.79 27.97 -49.69
C LEU D 340 -17.80 28.21 -48.60
N SER D 341 -19.00 27.69 -48.81
CA SER D 341 -20.08 27.81 -47.85
C SER D 341 -20.78 26.47 -47.71
N TRP D 342 -21.43 26.27 -46.57
CA TRP D 342 -22.16 25.03 -46.30
C TRP D 342 -23.68 25.30 -46.25
N GLU D 343 -24.48 24.39 -46.77
CA GLU D 343 -25.93 24.59 -46.80
C GLU D 343 -26.59 24.56 -45.42
N SER D 344 -26.08 23.73 -44.52
CA SER D 344 -26.64 23.63 -43.18
C SER D 344 -25.63 23.00 -42.24
N GLU D 345 -25.93 23.03 -40.96
CA GLU D 345 -25.00 22.42 -40.00
C GLU D 345 -25.01 20.92 -40.21
N ALA D 346 -26.20 20.39 -40.46
CA ALA D 346 -26.36 18.98 -40.64
C ALA D 346 -25.54 18.54 -41.80
N TYR D 347 -25.69 19.26 -42.89
CA TYR D 347 -24.93 18.93 -44.07
C TYR D 347 -23.46 18.99 -43.74
N LEU D 348 -23.03 20.12 -43.18
CA LEU D 348 -21.64 20.33 -42.82
C LEU D 348 -21.09 19.19 -41.97
N ARG D 349 -21.84 18.80 -40.95
CA ARG D 349 -21.49 17.73 -40.02
C ARG D 349 -21.20 16.44 -40.78
N ARG D 350 -22.13 16.04 -41.63
CA ARG D 350 -21.97 14.83 -42.40
C ARG D 350 -20.79 14.97 -43.36
N ALA D 351 -20.61 16.15 -43.91
CA ALA D 351 -19.50 16.34 -44.81
C ALA D 351 -18.19 16.19 -44.05
N VAL D 352 -18.17 16.66 -42.80
CA VAL D 352 -16.97 16.57 -41.97
C VAL D 352 -16.75 15.11 -41.53
N GLU D 353 -17.83 14.41 -41.22
CA GLU D 353 -17.74 13.03 -40.79
C GLU D 353 -17.01 12.19 -41.86
N LEU D 354 -17.47 12.29 -43.10
CA LEU D 354 -16.91 11.54 -44.24
C LEU D 354 -15.45 11.86 -44.49
N MET D 355 -15.04 13.07 -44.13
CA MET D 355 -13.68 13.45 -44.40
C MET D 355 -12.75 13.29 -43.19
N ARG D 356 -13.29 13.23 -41.98
CA ARG D 356 -12.46 13.13 -40.78
C ARG D 356 -11.14 12.34 -40.97
N PRO D 357 -11.21 11.16 -41.59
CA PRO D 357 -9.96 10.42 -41.77
C PRO D 357 -9.17 10.84 -43.03
N ARG D 358 -9.54 11.94 -43.66
CA ARG D 358 -8.87 12.36 -44.90
C ARG D 358 -8.12 13.69 -44.82
N PHE D 359 -8.08 14.34 -43.67
CA PHE D 359 -7.30 15.59 -43.58
C PHE D 359 -6.65 15.72 -42.22
N ASP D 360 -5.40 16.15 -42.22
CA ASP D 360 -4.71 16.29 -40.97
C ASP D 360 -4.61 17.72 -40.53
N THR D 361 -5.16 18.63 -41.32
CA THR D 361 -5.17 20.04 -40.96
C THR D 361 -6.44 20.70 -41.45
N LEU D 362 -6.95 21.65 -40.68
CA LEU D 362 -8.18 22.34 -41.01
C LEU D 362 -8.17 22.91 -42.42
N LYS D 363 -7.04 23.46 -42.83
CA LYS D 363 -6.94 24.04 -44.15
C LYS D 363 -7.15 22.95 -45.20
N GLU D 364 -6.66 21.76 -44.88
CA GLU D 364 -6.78 20.62 -45.77
C GLU D 364 -8.23 20.18 -46.03
N PHE D 365 -9.18 20.57 -45.17
CA PHE D 365 -10.57 20.15 -45.39
C PHE D 365 -11.26 20.78 -46.60
N PRO D 366 -11.27 22.11 -46.71
CA PRO D 366 -11.93 22.70 -47.88
C PRO D 366 -11.16 22.42 -49.16
N GLU D 367 -9.97 21.85 -49.00
CA GLU D 367 -9.12 21.55 -50.14
C GLU D 367 -9.50 20.20 -50.76
N LYS D 368 -9.64 19.18 -49.91
CA LYS D 368 -9.96 17.87 -50.42
C LYS D 368 -11.46 17.57 -50.53
N ALA D 369 -12.27 18.34 -49.81
CA ALA D 369 -13.72 18.16 -49.81
C ALA D 369 -14.40 19.34 -50.47
N ARG D 370 -13.73 19.95 -51.42
CA ARG D 370 -14.25 21.11 -52.11
C ARG D 370 -15.51 20.80 -52.94
N TYR D 371 -15.50 19.64 -53.61
CA TYR D 371 -16.63 19.26 -54.44
C TYR D 371 -17.88 19.12 -53.63
N LEU D 372 -17.76 18.95 -52.33
CA LEU D 372 -18.95 18.82 -51.50
C LEU D 372 -19.51 20.19 -51.10
N PHE D 373 -18.93 21.27 -51.61
CA PHE D 373 -19.39 22.63 -51.24
C PHE D 373 -19.59 23.58 -52.44
N THR D 374 -19.11 23.18 -53.61
CA THR D 374 -19.25 24.01 -54.79
C THR D 374 -19.21 23.22 -56.09
N GLU D 375 -19.81 23.79 -57.13
CA GLU D 375 -19.81 23.19 -58.45
C GLU D 375 -18.47 23.45 -59.10
N ASP D 376 -17.70 24.37 -58.53
CA ASP D 376 -16.39 24.70 -59.06
C ASP D 376 -15.29 23.94 -58.35
N TYR D 377 -15.10 22.70 -58.76
CA TYR D 377 -14.05 21.83 -58.22
C TYR D 377 -13.20 21.31 -59.39
N PRO D 378 -11.94 20.96 -59.13
CA PRO D 378 -11.13 20.47 -60.24
C PRO D 378 -11.36 19.00 -60.61
N VAL D 379 -10.89 18.62 -61.79
CA VAL D 379 -11.04 17.24 -62.23
C VAL D 379 -9.68 16.66 -62.60
N SER D 380 -9.29 15.61 -61.90
CA SER D 380 -8.00 14.97 -62.14
C SER D 380 -7.99 14.20 -63.44
N GLU D 381 -6.78 14.01 -63.99
CA GLU D 381 -6.64 13.27 -65.21
C GLU D 381 -7.24 11.90 -64.98
N LYS D 382 -6.68 11.17 -64.01
CA LYS D 382 -7.16 9.83 -63.66
C LYS D 382 -8.67 9.78 -63.57
N ALA D 383 -9.29 10.82 -63.00
CA ALA D 383 -10.75 10.85 -62.89
C ALA D 383 -11.37 11.03 -64.28
N GLN D 384 -10.80 11.94 -65.05
CA GLN D 384 -11.26 12.19 -66.41
C GLN D 384 -11.25 10.89 -67.22
N ARG D 385 -10.10 10.23 -67.27
CA ARG D 385 -9.96 9.01 -68.01
C ARG D 385 -10.85 7.90 -67.45
N LYS D 386 -11.15 7.94 -66.15
CA LYS D 386 -12.02 6.91 -65.55
C LYS D 386 -13.47 7.23 -65.91
N LEU D 387 -13.77 8.53 -66.00
CA LEU D 387 -15.10 8.95 -66.37
C LEU D 387 -15.37 8.61 -67.84
N GLU D 388 -14.50 9.07 -68.75
CA GLU D 388 -14.69 8.79 -70.18
C GLU D 388 -14.61 7.31 -70.45
N GLU D 389 -13.76 6.62 -69.70
CA GLU D 389 -13.63 5.19 -69.88
C GLU D 389 -14.93 4.47 -69.54
N GLY D 390 -15.72 5.05 -68.63
CA GLY D 390 -16.96 4.39 -68.23
C GLY D 390 -18.26 5.09 -68.54
N LEU D 391 -18.18 6.14 -69.33
CA LEU D 391 -19.34 6.92 -69.72
C LEU D 391 -20.48 6.03 -70.21
N PRO D 392 -20.16 5.00 -71.02
CA PRO D 392 -21.20 4.10 -71.53
C PRO D 392 -22.05 3.50 -70.42
N LEU D 393 -21.43 2.65 -69.61
CA LEU D 393 -22.08 1.97 -68.49
C LEU D 393 -22.84 2.98 -67.64
N LEU D 394 -22.30 4.19 -67.53
CA LEU D 394 -22.94 5.23 -66.74
C LEU D 394 -24.29 5.61 -67.32
N LYS D 395 -24.33 5.91 -68.61
CA LYS D 395 -25.62 6.23 -69.22
C LYS D 395 -26.55 5.03 -69.10
N GLU D 396 -25.98 3.83 -69.06
CA GLU D 396 -26.73 2.61 -68.91
C GLU D 396 -27.27 2.50 -67.51
N LEU D 397 -26.87 3.43 -66.64
CA LEU D 397 -27.30 3.41 -65.24
C LEU D 397 -28.18 4.61 -64.88
N TYR D 398 -27.88 5.75 -65.46
CA TYR D 398 -28.62 6.98 -65.18
C TYR D 398 -30.11 6.79 -65.03
N PRO D 399 -30.76 6.12 -65.99
CA PRO D 399 -32.21 5.92 -65.89
C PRO D 399 -32.58 5.24 -64.58
N ARG D 400 -31.79 4.27 -64.18
CA ARG D 400 -32.04 3.56 -62.94
C ARG D 400 -31.98 4.51 -61.76
N LEU D 401 -31.04 5.45 -61.80
CA LEU D 401 -30.93 6.43 -60.74
C LEU D 401 -32.06 7.43 -60.87
N ARG D 402 -32.38 7.75 -62.12
CA ARG D 402 -33.44 8.68 -62.41
C ARG D 402 -34.75 8.14 -61.88
N ALA D 403 -34.78 6.85 -61.57
CA ALA D 403 -35.99 6.19 -61.08
C ALA D 403 -35.96 5.86 -59.61
N GLN D 404 -34.87 5.26 -59.15
CA GLN D 404 -34.71 4.89 -57.74
C GLN D 404 -35.43 5.86 -56.80
N GLU D 405 -36.44 5.34 -56.10
CA GLU D 405 -37.21 6.15 -55.16
C GLU D 405 -36.48 6.31 -53.82
N GLU D 406 -35.91 5.21 -53.33
CA GLU D 406 -35.21 5.19 -52.06
C GLU D 406 -33.76 5.67 -52.18
N TRP D 407 -33.56 6.97 -52.05
CA TRP D 407 -32.22 7.52 -52.12
C TRP D 407 -31.48 7.30 -50.81
N THR D 408 -31.16 6.05 -50.52
CA THR D 408 -30.46 5.71 -49.30
C THR D 408 -29.12 5.01 -49.54
N GLU D 409 -28.19 5.16 -48.62
CA GLU D 409 -26.90 4.53 -48.74
C GLU D 409 -27.11 3.04 -48.92
N ALA D 410 -28.14 2.53 -48.25
CA ALA D 410 -28.44 1.11 -48.32
C ALA D 410 -29.08 0.77 -49.65
N ALA D 411 -30.09 1.55 -50.02
CA ALA D 411 -30.82 1.36 -51.28
C ALA D 411 -29.90 1.55 -52.47
N LEU D 412 -29.18 2.67 -52.47
CA LEU D 412 -28.24 2.98 -53.54
C LEU D 412 -27.22 1.85 -53.66
N GLU D 413 -26.79 1.32 -52.53
CA GLU D 413 -25.81 0.24 -52.57
C GLU D 413 -26.39 -0.97 -53.30
N ALA D 414 -27.68 -1.22 -53.08
CA ALA D 414 -28.38 -2.34 -53.72
C ALA D 414 -28.48 -2.15 -55.23
N LEU D 415 -28.91 -0.96 -55.64
CA LEU D 415 -29.05 -0.66 -57.06
C LEU D 415 -27.74 -0.94 -57.81
N LEU D 416 -26.68 -0.28 -57.37
CA LEU D 416 -25.36 -0.41 -57.99
C LEU D 416 -24.84 -1.83 -57.99
N ARG D 417 -24.95 -2.51 -56.87
CA ARG D 417 -24.48 -3.89 -56.84
C ARG D 417 -25.29 -4.72 -57.83
N GLY D 418 -26.59 -4.48 -57.87
CA GLY D 418 -27.41 -5.20 -58.80
C GLY D 418 -26.97 -4.81 -60.20
N PHE D 419 -26.77 -3.51 -60.41
CA PHE D 419 -26.37 -3.08 -61.72
C PHE D 419 -25.12 -3.80 -62.17
N ALA D 420 -24.05 -3.67 -61.39
CA ALA D 420 -22.78 -4.32 -61.67
C ALA D 420 -22.96 -5.82 -61.99
N ALA D 421 -23.76 -6.50 -61.19
CA ALA D 421 -24.01 -7.90 -61.40
C ALA D 421 -24.64 -8.14 -62.75
N GLU D 422 -25.79 -7.51 -62.98
CA GLU D 422 -26.55 -7.63 -64.22
C GLU D 422 -25.74 -7.24 -65.46
N LYS D 423 -24.61 -6.58 -65.26
CA LYS D 423 -23.79 -6.20 -66.40
C LYS D 423 -22.50 -6.99 -66.41
N GLY D 424 -22.46 -8.07 -65.62
CA GLY D 424 -21.26 -8.89 -65.54
C GLY D 424 -20.07 -7.97 -65.45
N VAL D 425 -19.91 -7.34 -64.29
CA VAL D 425 -18.85 -6.37 -64.06
C VAL D 425 -18.59 -6.25 -62.56
N LYS D 426 -17.35 -5.90 -62.19
CA LYS D 426 -17.03 -5.73 -60.78
C LYS D 426 -17.46 -4.33 -60.32
N LEU D 427 -18.11 -4.27 -59.15
CA LEU D 427 -18.61 -3.01 -58.59
C LEU D 427 -17.73 -1.81 -58.96
N GLY D 428 -16.49 -1.81 -58.46
CA GLY D 428 -15.58 -0.69 -58.73
C GLY D 428 -15.67 -0.14 -60.14
N GLN D 429 -15.96 -1.03 -61.08
CA GLN D 429 -16.04 -0.65 -62.48
C GLN D 429 -17.17 0.31 -62.71
N VAL D 430 -18.17 0.28 -61.84
CA VAL D 430 -19.32 1.16 -61.94
C VAL D 430 -19.11 2.32 -60.99
N ALA D 431 -18.68 1.98 -59.78
CA ALA D 431 -18.48 2.93 -58.70
C ALA D 431 -17.39 3.96 -58.99
N GLN D 432 -16.27 3.53 -59.53
CA GLN D 432 -15.20 4.47 -59.80
C GLN D 432 -15.57 5.54 -60.83
N PRO D 433 -16.08 5.12 -62.01
CA PRO D 433 -16.44 6.14 -63.02
C PRO D 433 -17.52 7.09 -62.48
N LEU D 434 -18.39 6.55 -61.65
CA LEU D 434 -19.42 7.37 -61.04
C LEU D 434 -18.76 8.33 -60.02
N ARG D 435 -17.90 7.79 -59.18
CA ARG D 435 -17.20 8.61 -58.18
C ARG D 435 -16.56 9.80 -58.87
N ALA D 436 -15.95 9.56 -60.04
CA ALA D 436 -15.27 10.60 -60.78
C ALA D 436 -16.27 11.59 -61.40
N ALA D 437 -17.45 11.12 -61.73
CA ALA D 437 -18.45 12.01 -62.29
C ALA D 437 -18.97 12.95 -61.20
N LEU D 438 -19.16 12.39 -59.99
CA LEU D 438 -19.68 13.14 -58.85
C LEU D 438 -18.69 14.04 -58.13
N THR D 439 -17.46 13.57 -57.92
CA THR D 439 -16.44 14.31 -57.18
C THR D 439 -15.33 14.83 -58.03
N GLY D 440 -15.11 14.16 -59.15
CA GLY D 440 -14.04 14.56 -60.04
C GLY D 440 -12.70 14.32 -59.37
N SER D 441 -12.62 13.28 -58.53
CA SER D 441 -11.37 13.04 -57.82
C SER D 441 -10.78 11.62 -57.87
N LEU D 442 -11.57 10.59 -57.55
CA LEU D 442 -11.08 9.19 -57.51
C LEU D 442 -10.48 8.88 -56.12
N GLU D 443 -10.28 9.94 -55.34
CA GLU D 443 -9.83 9.84 -53.96
C GLU D 443 -10.94 10.50 -53.19
N THR D 444 -11.86 9.67 -52.72
CA THR D 444 -13.07 10.15 -52.08
C THR D 444 -13.56 9.18 -51.01
N PRO D 445 -14.41 9.65 -50.08
CA PRO D 445 -14.90 8.70 -49.07
C PRO D 445 -15.88 7.72 -49.80
N GLY D 446 -16.63 6.91 -49.04
CA GLY D 446 -17.53 5.93 -49.67
C GLY D 446 -18.45 6.47 -50.75
N LEU D 447 -18.67 5.67 -51.79
CA LEU D 447 -19.52 6.12 -52.88
C LEU D 447 -20.97 6.27 -52.46
N PHE D 448 -21.47 5.31 -51.72
CA PHE D 448 -22.85 5.35 -51.30
C PHE D 448 -23.18 6.58 -50.46
N GLU D 449 -22.28 6.92 -49.55
CA GLU D 449 -22.52 8.10 -48.71
C GLU D 449 -22.44 9.36 -49.56
N ILE D 450 -21.58 9.33 -50.58
CA ILE D 450 -21.39 10.46 -51.49
C ILE D 450 -22.65 10.66 -52.34
N LEU D 451 -23.10 9.56 -52.93
CA LEU D 451 -24.30 9.56 -53.74
C LEU D 451 -25.43 10.10 -52.92
N ALA D 452 -25.63 9.48 -51.77
CA ALA D 452 -26.70 9.83 -50.84
C ALA D 452 -26.61 11.28 -50.34
N LEU D 453 -25.51 11.63 -49.69
CA LEU D 453 -25.29 12.96 -49.14
C LEU D 453 -25.85 14.08 -50.03
N LEU D 454 -25.42 14.11 -51.29
CA LEU D 454 -25.86 15.16 -52.21
C LEU D 454 -27.38 15.29 -52.32
N GLY D 455 -28.08 14.16 -52.37
CA GLY D 455 -29.53 14.19 -52.53
C GLY D 455 -29.82 13.74 -53.96
N LYS D 456 -30.93 13.06 -54.20
CA LYS D 456 -31.22 12.59 -55.56
C LYS D 456 -31.06 13.64 -56.66
N GLU D 457 -31.88 14.68 -56.62
CA GLU D 457 -31.79 15.70 -57.66
C GLU D 457 -30.39 16.28 -57.79
N ARG D 458 -29.78 16.72 -56.69
CA ARG D 458 -28.44 17.31 -56.75
C ARG D 458 -27.49 16.34 -57.39
N ALA D 459 -27.56 15.09 -56.95
CA ALA D 459 -26.68 14.04 -57.46
C ALA D 459 -26.88 13.83 -58.94
N LEU D 460 -28.13 13.55 -59.34
CA LEU D 460 -28.51 13.34 -60.75
C LEU D 460 -27.96 14.44 -61.62
N ARG D 461 -28.48 15.64 -61.38
CA ARG D 461 -28.14 16.84 -62.12
C ARG D 461 -26.66 16.94 -62.41
N ARG D 462 -25.84 16.85 -61.38
CA ARG D 462 -24.39 16.91 -61.57
C ARG D 462 -23.90 15.80 -62.50
N LEU D 463 -24.24 14.55 -62.16
CA LEU D 463 -23.86 13.41 -62.98
C LEU D 463 -24.32 13.65 -64.41
N GLU D 464 -25.43 14.37 -64.55
CA GLU D 464 -25.96 14.68 -65.87
C GLU D 464 -24.93 15.49 -66.62
N ARG D 465 -24.39 16.50 -65.96
CA ARG D 465 -23.35 17.37 -66.53
C ARG D 465 -22.23 16.47 -67.02
N ALA D 466 -21.73 15.64 -66.11
CA ALA D 466 -20.66 14.72 -66.37
C ALA D 466 -20.92 13.87 -67.61
N LEU D 467 -22.16 13.40 -67.77
CA LEU D 467 -22.46 12.61 -68.93
C LEU D 467 -22.77 13.50 -70.14
N ALA D 468 -23.02 14.78 -69.88
CA ALA D 468 -23.34 15.76 -70.93
C ALA D 468 -22.24 15.87 -71.97
#